data_4U09
#
_entry.id   4U09
#
_cell.length_a   75.166
_cell.length_b   104.796
_cell.length_c   116.597
_cell.angle_alpha   90.00
_cell.angle_beta   90.00
_cell.angle_gamma   90.00
#
_symmetry.space_group_name_H-M   'P 21 21 21'
#
loop_
_entity.id
_entity.type
_entity.pdbx_description
1 polymer LIC12759
2 non-polymer 'ZINC ION'
3 non-polymer '2-(N-MORPHOLINO)-ETHANESULFONIC ACID'
4 non-polymer 'SULFATE ION'
5 non-polymer DI(HYDROXYETHYL)ETHER
6 non-polymer 'CHLORIDE ION'
7 water water
#
_entity_poly.entity_id   1
_entity_poly.type   'polypeptide(L)'
_entity_poly.pdbx_seq_one_letter_code
;SEEIQKPYKNLAKALQNPADVRNLDLSFQGLKTLPNKIGQLKNLQKLDLGGNEPTILSKEIWQLKDLQKLNLNNNKLTVL
PKEIGQLQNLQELSLHSNELVNLPKEIGQFKNLQKLNLDNNKLTVLPKEIGQLQNLQELSLLSNKLISLPTEIEQLKSLK
NLDLNHNEFTTVSKEV(MSE)LLETLENLDLRSNKLKTIPKEIRQLKSLKVL(MSE)LTGNQLTSLPKEIEQLQNLKTLN
LGENRFQIFPVEILELKNLLELNLYYNQLVEFPKEVGQLKSLKYLSLYHNQITTLPVEVTQLPDLQELHLSGNKITILPK
EILQLKNLEWLSLSNNKLNALPKEIGQLKKLQRLELGNNQLTTLPKEIEQLKNLQRLELDSNPISPKEKERIRKLLPKCE
IDFEGGGGE
;
_entity_poly.pdbx_strand_id   A,B
#
# COMPACT_ATOMS: atom_id res chain seq x y z
N ILE A 4 9.91 24.46 11.68
CA ILE A 4 10.63 23.30 11.14
C ILE A 4 12.11 23.66 10.91
N GLN A 5 13.01 22.88 11.51
CA GLN A 5 14.47 23.10 11.44
C GLN A 5 15.20 21.93 10.77
N LYS A 6 16.28 22.24 10.02
CA LYS A 6 17.17 21.23 9.42
C LYS A 6 17.82 20.52 10.62
N PRO A 7 17.93 19.18 10.62
CA PRO A 7 18.43 18.51 11.82
C PRO A 7 19.90 18.74 12.13
N TYR A 8 20.18 18.88 13.44
CA TYR A 8 21.53 18.92 13.96
C TYR A 8 21.95 17.44 13.98
N LYS A 9 23.00 17.09 13.23
CA LYS A 9 23.48 15.71 13.21
C LYS A 9 24.77 15.60 14.02
N ASN A 10 25.34 16.76 14.38
CA ASN A 10 26.58 16.78 15.15
C ASN A 10 26.28 17.19 16.58
N LEU A 11 26.44 16.26 17.51
CA LEU A 11 26.14 16.48 18.93
C LEU A 11 26.98 17.63 19.52
N ALA A 12 28.26 17.77 19.08
CA ALA A 12 29.12 18.85 19.55
C ALA A 12 28.58 20.22 19.11
N LYS A 13 28.11 20.32 17.84
CA LYS A 13 27.52 21.53 17.28
C LYS A 13 26.25 21.89 18.03
N ALA A 14 25.42 20.87 18.36
CA ALA A 14 24.18 21.10 19.10
C ALA A 14 24.45 21.65 20.49
N LEU A 15 25.45 21.07 21.17
CA LEU A 15 25.79 21.47 22.52
C LEU A 15 26.53 22.84 22.61
N GLN A 16 27.01 23.40 21.48
CA GLN A 16 27.65 24.73 21.45
C GLN A 16 26.62 25.86 21.62
N ASN A 17 25.41 25.68 21.06
CA ASN A 17 24.34 26.69 21.20
C ASN A 17 23.03 25.90 21.44
N PRO A 18 22.91 25.31 22.67
CA PRO A 18 21.76 24.44 22.97
C PRO A 18 20.38 25.03 22.80
N ALA A 19 20.21 26.34 23.11
CA ALA A 19 18.90 27.02 23.00
C ALA A 19 18.37 27.05 21.56
N ASP A 20 19.23 27.01 20.56
CA ASP A 20 18.82 27.03 19.15
C ASP A 20 18.49 25.63 18.59
N VAL A 21 18.64 24.57 19.40
CA VAL A 21 18.41 23.22 18.89
C VAL A 21 16.96 22.78 19.03
N ARG A 22 16.25 22.72 17.90
CA ARG A 22 14.86 22.25 17.88
C ARG A 22 14.76 20.83 17.31
N ASN A 23 15.69 20.48 16.42
CA ASN A 23 15.74 19.19 15.74
C ASN A 23 17.13 18.55 15.86
N LEU A 24 17.19 17.40 16.54
CA LEU A 24 18.44 16.64 16.76
C LEU A 24 18.29 15.21 16.22
N ASP A 25 19.16 14.82 15.28
CA ASP A 25 19.19 13.47 14.69
C ASP A 25 20.54 12.78 14.98
N LEU A 26 20.56 11.92 15.99
CA LEU A 26 21.76 11.16 16.40
C LEU A 26 21.61 9.69 15.99
N SER A 27 20.72 9.42 15.03
CA SER A 27 20.51 8.02 14.63
C SER A 27 21.73 7.38 13.98
N PHE A 28 21.90 6.08 14.23
CA PHE A 28 22.95 5.22 13.67
C PHE A 28 24.35 5.86 13.84
N GLN A 29 24.64 6.38 15.04
CA GLN A 29 25.93 7.02 15.27
C GLN A 29 26.88 6.20 16.15
N GLY A 30 26.47 4.99 16.53
CA GLY A 30 27.25 4.12 17.40
C GLY A 30 27.36 4.67 18.81
N LEU A 31 26.33 5.38 19.26
CA LEU A 31 26.32 5.97 20.59
C LEU A 31 25.74 4.95 21.56
N LYS A 32 26.41 4.78 22.71
CA LYS A 32 25.96 3.83 23.71
C LYS A 32 25.12 4.54 24.76
N THR A 33 25.49 5.77 25.13
CA THR A 33 24.76 6.57 26.13
C THR A 33 24.76 8.00 25.66
N LEU A 34 23.96 8.85 26.32
CA LEU A 34 23.90 10.26 26.00
C LEU A 34 24.65 11.03 27.09
N PRO A 35 25.25 12.20 26.78
CA PRO A 35 25.92 12.96 27.85
C PRO A 35 24.86 13.64 28.72
N ASN A 36 25.19 13.92 29.99
CA ASN A 36 24.28 14.60 30.93
C ASN A 36 23.84 15.96 30.38
N LYS A 37 24.76 16.65 29.67
CA LYS A 37 24.57 17.93 28.99
C LYS A 37 23.37 17.95 28.04
N ILE A 38 22.86 16.78 27.61
CA ILE A 38 21.69 16.68 26.69
C ILE A 38 20.47 17.41 27.28
N GLY A 39 20.39 17.48 28.61
CA GLY A 39 19.36 18.20 29.34
C GLY A 39 19.36 19.71 29.09
N GLN A 40 20.44 20.23 28.48
CA GLN A 40 20.56 21.66 28.12
C GLN A 40 19.75 21.99 26.86
N LEU A 41 19.28 20.96 26.11
CA LEU A 41 18.50 21.15 24.89
C LEU A 41 17.01 21.28 25.27
N LYS A 42 16.68 22.32 26.07
CA LYS A 42 15.35 22.61 26.60
C LYS A 42 14.30 22.93 25.55
N ASN A 43 14.68 23.42 24.36
CA ASN A 43 13.74 23.75 23.29
C ASN A 43 13.60 22.64 22.24
N LEU A 44 14.14 21.44 22.53
CA LEU A 44 14.10 20.31 21.60
C LEU A 44 12.66 19.88 21.34
N GLN A 45 12.29 19.80 20.05
CA GLN A 45 10.95 19.40 19.64
C GLN A 45 10.96 18.07 18.90
N LYS A 46 12.07 17.77 18.18
CA LYS A 46 12.23 16.52 17.42
C LYS A 46 13.57 15.85 17.81
N LEU A 47 13.50 14.60 18.27
CA LEU A 47 14.69 13.84 18.67
C LEU A 47 14.67 12.45 18.05
N ASP A 48 15.73 12.11 17.30
CA ASP A 48 15.90 10.79 16.70
C ASP A 48 17.11 10.13 17.36
N LEU A 49 16.86 9.03 18.06
CA LEU A 49 17.91 8.24 18.72
C LEU A 49 17.96 6.85 18.17
N GLY A 50 17.32 6.65 17.02
CA GLY A 50 17.27 5.31 16.41
C GLY A 50 18.61 4.71 16.06
N GLY A 51 18.68 3.39 16.02
CA GLY A 51 19.88 2.67 15.58
C GLY A 51 21.13 2.82 16.42
N ASN A 52 20.96 3.05 17.73
CA ASN A 52 22.12 3.16 18.63
C ASN A 52 22.14 1.92 19.54
N GLU A 53 21.93 2.05 20.86
CA GLU A 53 21.94 0.92 21.81
C GLU A 53 20.84 1.12 22.86
N PRO A 54 20.35 0.07 23.57
CA PRO A 54 19.28 0.31 24.57
C PRO A 54 19.62 1.33 25.66
N THR A 55 20.91 1.47 25.98
CA THR A 55 21.38 2.39 27.00
C THR A 55 21.33 3.86 26.56
N ILE A 56 20.94 4.16 25.29
CA ILE A 56 20.80 5.54 24.77
C ILE A 56 19.64 6.28 25.46
N LEU A 57 18.77 5.53 26.16
CA LEU A 57 17.60 6.04 26.84
C LEU A 57 17.95 6.72 28.16
N SER A 58 18.64 7.85 28.06
CA SER A 58 19.03 8.67 29.21
C SER A 58 17.80 9.17 29.93
N LYS A 59 17.84 9.17 31.27
CA LYS A 59 16.78 9.71 32.12
C LYS A 59 16.56 11.21 31.83
N GLU A 60 17.56 11.88 31.20
CA GLU A 60 17.47 13.30 30.84
C GLU A 60 16.43 13.55 29.73
N ILE A 61 16.14 12.53 28.87
CA ILE A 61 15.19 12.66 27.74
C ILE A 61 13.79 13.02 28.24
N TRP A 62 13.37 12.39 29.34
CA TRP A 62 12.03 12.51 29.90
C TRP A 62 11.74 13.88 30.55
N GLN A 63 12.76 14.76 30.63
CA GLN A 63 12.65 16.11 31.17
C GLN A 63 12.66 17.14 30.03
N LEU A 64 12.83 16.68 28.75
CA LEU A 64 12.80 17.56 27.59
C LEU A 64 11.31 17.70 27.18
N LYS A 65 10.56 18.50 27.99
CA LYS A 65 9.11 18.72 27.92
C LYS A 65 8.54 19.26 26.60
N ASP A 66 9.35 19.94 25.77
CA ASP A 66 8.83 20.44 24.49
C ASP A 66 8.81 19.38 23.38
N LEU A 67 9.30 18.13 23.67
CA LEU A 67 9.34 17.06 22.66
C LEU A 67 7.97 16.72 22.08
N GLN A 68 7.87 16.85 20.75
CA GLN A 68 6.66 16.55 19.97
C GLN A 68 6.90 15.28 19.14
N LYS A 69 8.13 15.03 18.73
CA LYS A 69 8.43 13.84 17.92
C LYS A 69 9.66 13.13 18.50
N LEU A 70 9.54 11.82 18.76
CA LEU A 70 10.59 10.98 19.32
C LEU A 70 10.69 9.67 18.57
N ASN A 71 11.88 9.37 18.00
CA ASN A 71 12.13 8.10 17.31
C ASN A 71 13.14 7.28 18.11
N LEU A 72 12.73 6.11 18.58
CA LEU A 72 13.54 5.18 19.37
C LEU A 72 13.69 3.83 18.67
N ASN A 73 13.52 3.82 17.36
CA ASN A 73 13.62 2.61 16.55
C ASN A 73 14.99 1.94 16.61
N ASN A 74 15.05 0.63 16.37
CA ASN A 74 16.31 -0.14 16.23
C ASN A 74 17.28 0.04 17.37
N ASN A 75 16.79 0.01 18.60
CA ASN A 75 17.62 0.19 19.79
C ASN A 75 17.64 -1.04 20.69
N LYS A 76 17.18 -2.20 20.19
CA LYS A 76 17.12 -3.46 20.95
C LYS A 76 16.40 -3.28 22.30
N LEU A 77 15.40 -2.38 22.36
CA LEU A 77 14.65 -2.13 23.60
C LEU A 77 13.79 -3.30 23.99
N THR A 78 13.96 -3.79 25.22
CA THR A 78 13.19 -4.89 25.76
C THR A 78 12.12 -4.35 26.68
N VAL A 79 12.33 -3.15 27.23
CA VAL A 79 11.39 -2.48 28.13
C VAL A 79 11.42 -0.98 27.89
N LEU A 80 10.25 -0.33 28.01
CA LEU A 80 10.10 1.11 27.83
C LEU A 80 9.95 1.71 29.25
N PRO A 81 10.81 2.66 29.68
CA PRO A 81 10.67 3.21 31.03
C PRO A 81 9.35 3.94 31.22
N LYS A 82 8.74 3.78 32.41
CA LYS A 82 7.48 4.42 32.74
C LYS A 82 7.52 5.96 32.64
N GLU A 83 8.73 6.56 32.79
CA GLU A 83 8.96 8.01 32.74
C GLU A 83 8.71 8.63 31.36
N ILE A 84 8.55 7.79 30.29
CA ILE A 84 8.23 8.27 28.93
C ILE A 84 6.94 9.11 28.96
N GLY A 85 6.04 8.75 29.88
CA GLY A 85 4.75 9.40 30.10
C GLY A 85 4.81 10.88 30.44
N GLN A 86 5.99 11.37 30.87
CA GLN A 86 6.26 12.78 31.22
C GLN A 86 6.36 13.65 29.97
N LEU A 87 6.56 13.04 28.78
CA LEU A 87 6.63 13.82 27.54
C LEU A 87 5.18 14.09 27.04
N GLN A 88 4.46 14.97 27.78
CA GLN A 88 3.04 15.34 27.55
C GLN A 88 2.74 15.94 26.20
N ASN A 89 3.72 16.56 25.56
CA ASN A 89 3.56 17.21 24.26
C ASN A 89 3.83 16.31 23.05
N LEU A 90 4.12 15.02 23.27
CA LEU A 90 4.40 14.09 22.15
C LEU A 90 3.22 13.97 21.18
N GLN A 91 3.49 14.16 19.90
CA GLN A 91 2.55 14.01 18.77
C GLN A 91 2.90 12.75 17.98
N GLU A 92 4.20 12.42 17.82
CA GLU A 92 4.63 11.23 17.07
C GLU A 92 5.67 10.45 17.86
N LEU A 93 5.41 9.16 18.08
CA LEU A 93 6.32 8.26 18.80
C LEU A 93 6.62 7.02 17.97
N SER A 94 7.90 6.81 17.64
CA SER A 94 8.29 5.63 16.88
C SER A 94 9.13 4.67 17.73
N LEU A 95 8.65 3.43 17.87
CA LEU A 95 9.31 2.38 18.64
C LEU A 95 9.56 1.14 17.78
N HIS A 96 9.56 1.32 16.45
CA HIS A 96 9.69 0.22 15.50
C HIS A 96 11.05 -0.48 15.55
N SER A 97 11.05 -1.79 15.22
CA SER A 97 12.25 -2.62 15.18
C SER A 97 12.98 -2.67 16.53
N ASN A 98 12.26 -3.05 17.57
CA ASN A 98 12.80 -3.22 18.92
C ASN A 98 12.42 -4.63 19.40
N GLU A 99 12.47 -4.90 20.71
CA GLU A 99 12.17 -6.25 21.22
C GLU A 99 11.16 -6.18 22.34
N LEU A 100 10.19 -5.27 22.22
CA LEU A 100 9.17 -5.05 23.24
C LEU A 100 8.13 -6.15 23.24
N VAL A 101 7.82 -6.69 24.42
CA VAL A 101 6.84 -7.77 24.65
C VAL A 101 5.55 -7.16 25.25
N ASN A 102 5.72 -6.10 26.06
CA ASN A 102 4.63 -5.37 26.69
C ASN A 102 4.94 -3.89 26.65
N LEU A 103 3.97 -3.05 26.96
CA LEU A 103 4.19 -1.60 27.03
C LEU A 103 3.78 -1.13 28.42
N PRO A 104 4.43 -0.09 28.99
CA PRO A 104 3.98 0.42 30.31
C PRO A 104 2.61 1.09 30.19
N LYS A 105 1.83 1.07 31.29
CA LYS A 105 0.51 1.70 31.34
C LYS A 105 0.60 3.21 31.02
N GLU A 106 1.77 3.81 31.27
CA GLU A 106 2.06 5.23 31.02
C GLU A 106 2.02 5.63 29.54
N ILE A 107 1.94 4.64 28.60
CA ILE A 107 1.79 4.88 27.15
C ILE A 107 0.48 5.65 26.85
N GLY A 108 -0.48 5.57 27.77
CA GLY A 108 -1.77 6.24 27.67
C GLY A 108 -1.77 7.70 28.10
N GLN A 109 -0.62 8.21 28.59
CA GLN A 109 -0.50 9.59 29.07
C GLN A 109 -0.32 10.62 27.96
N PHE A 110 -0.08 10.17 26.71
CA PHE A 110 0.12 11.08 25.59
C PHE A 110 -1.20 11.59 25.00
N LYS A 111 -1.78 12.60 25.65
CA LYS A 111 -3.06 13.20 25.24
C LYS A 111 -3.05 13.80 23.85
N ASN A 112 -1.89 14.24 23.38
CA ASN A 112 -1.77 14.83 22.05
C ASN A 112 -1.14 13.89 21.02
N LEU A 113 -0.96 12.60 21.37
CA LEU A 113 -0.37 11.62 20.44
C LEU A 113 -1.23 11.39 19.22
N GLN A 114 -0.64 11.60 18.04
CA GLN A 114 -1.29 11.43 16.75
C GLN A 114 -0.85 10.17 16.02
N LYS A 115 0.47 9.85 16.09
CA LYS A 115 1.03 8.66 15.41
C LYS A 115 1.84 7.85 16.42
N LEU A 116 1.57 6.54 16.43
CA LEU A 116 2.27 5.56 17.27
C LEU A 116 2.71 4.38 16.41
N ASN A 117 4.03 4.23 16.23
CA ASN A 117 4.59 3.16 15.44
C ASN A 117 5.22 2.12 16.35
N LEU A 118 4.66 0.91 16.36
CA LEU A 118 5.12 -0.22 17.19
C LEU A 118 5.49 -1.41 16.31
N ASP A 119 5.70 -1.16 14.99
CA ASP A 119 6.06 -2.18 13.99
C ASP A 119 7.27 -2.98 14.41
N ASN A 120 7.32 -4.26 14.02
CA ASN A 120 8.48 -5.14 14.21
C ASN A 120 8.99 -5.20 15.66
N ASN A 121 8.10 -5.55 16.59
CA ASN A 121 8.39 -5.81 17.99
C ASN A 121 7.96 -7.26 18.28
N LYS A 122 7.73 -7.61 19.56
CA LYS A 122 7.36 -8.97 19.96
C LYS A 122 6.12 -8.87 20.88
N LEU A 123 5.28 -7.83 20.66
CA LEU A 123 4.12 -7.54 21.50
C LEU A 123 3.09 -8.67 21.52
N THR A 124 2.77 -9.17 22.71
CA THR A 124 1.77 -10.25 22.90
C THR A 124 0.45 -9.64 23.36
N VAL A 125 0.50 -8.44 23.97
CA VAL A 125 -0.67 -7.73 24.47
C VAL A 125 -0.42 -6.21 24.51
N LEU A 126 -1.48 -5.41 24.38
CA LEU A 126 -1.41 -3.96 24.52
C LEU A 126 -2.05 -3.60 25.89
N PRO A 127 -1.58 -2.57 26.62
CA PRO A 127 -2.24 -2.26 27.90
C PRO A 127 -3.61 -1.65 27.68
N LYS A 128 -4.53 -1.85 28.64
CA LYS A 128 -5.88 -1.28 28.56
C LYS A 128 -5.85 0.24 28.40
N GLU A 129 -4.80 0.90 28.92
CA GLU A 129 -4.59 2.35 28.88
C GLU A 129 -4.36 2.91 27.45
N ILE A 130 -4.17 2.02 26.43
CA ILE A 130 -4.02 2.45 25.02
C ILE A 130 -5.25 3.24 24.57
N GLY A 131 -6.40 2.92 25.18
CA GLY A 131 -7.69 3.56 24.95
C GLY A 131 -7.73 5.03 25.34
N GLN A 132 -6.76 5.50 26.14
CA GLN A 132 -6.69 6.90 26.58
C GLN A 132 -6.13 7.80 25.48
N LEU A 133 -5.53 7.21 24.42
CA LEU A 133 -4.93 8.01 23.34
C LEU A 133 -6.02 8.45 22.36
N GLN A 134 -6.93 9.30 22.85
CA GLN A 134 -8.13 9.74 22.14
C GLN A 134 -7.84 10.63 20.92
N ASN A 135 -6.62 11.21 20.78
CA ASN A 135 -6.27 12.00 19.58
C ASN A 135 -5.51 11.16 18.55
N LEU A 136 -5.24 9.86 18.85
CA LEU A 136 -4.49 8.97 17.96
C LEU A 136 -5.16 8.81 16.60
N GLN A 137 -4.43 9.13 15.52
CA GLN A 137 -4.89 9.01 14.14
C GLN A 137 -4.32 7.74 13.48
N GLU A 138 -3.09 7.34 13.88
CA GLU A 138 -2.43 6.17 13.31
C GLU A 138 -1.80 5.28 14.38
N LEU A 139 -2.16 3.99 14.35
CA LEU A 139 -1.61 2.98 15.24
C LEU A 139 -1.08 1.86 14.34
N SER A 140 0.25 1.71 14.32
CA SER A 140 0.91 0.71 13.46
C SER A 140 1.51 -0.38 14.31
N LEU A 141 1.07 -1.62 14.08
CA LEU A 141 1.47 -2.80 14.85
C LEU A 141 1.95 -3.93 13.97
N LEU A 142 2.44 -3.59 12.76
CA LEU A 142 2.92 -4.55 11.78
C LEU A 142 3.94 -5.51 12.43
N SER A 143 3.84 -6.81 12.17
CA SER A 143 4.81 -7.81 12.65
C SER A 143 5.01 -7.82 14.18
N ASN A 144 3.96 -8.25 14.88
CA ASN A 144 3.96 -8.44 16.34
C ASN A 144 3.35 -9.81 16.62
N LYS A 145 3.00 -10.12 17.88
CA LYS A 145 2.46 -11.44 18.23
C LYS A 145 1.09 -11.33 18.85
N LEU A 146 0.31 -10.29 18.49
CA LEU A 146 -1.02 -10.05 19.05
C LEU A 146 -2.05 -11.06 18.60
N ILE A 147 -2.86 -11.55 19.55
CA ILE A 147 -3.98 -12.48 19.28
C ILE A 147 -5.29 -11.72 19.50
N SER A 148 -5.22 -10.53 20.15
CA SER A 148 -6.38 -9.70 20.45
C SER A 148 -5.93 -8.29 20.73
N LEU A 149 -6.90 -7.36 20.87
CA LEU A 149 -6.69 -5.98 21.25
C LEU A 149 -7.53 -5.74 22.53
N PRO A 150 -7.15 -4.85 23.47
CA PRO A 150 -8.00 -4.65 24.67
C PRO A 150 -9.33 -4.04 24.28
N THR A 151 -10.40 -4.37 25.02
CA THR A 151 -11.73 -3.85 24.73
C THR A 151 -11.74 -2.31 24.67
N GLU A 152 -10.83 -1.66 25.44
CA GLU A 152 -10.67 -0.21 25.50
C GLU A 152 -10.21 0.43 24.18
N ILE A 153 -9.83 -0.42 23.18
CA ILE A 153 -9.44 0.06 21.84
C ILE A 153 -10.61 0.81 21.21
N GLU A 154 -11.86 0.50 21.64
CA GLU A 154 -13.09 1.16 21.19
C GLU A 154 -13.08 2.67 21.48
N GLN A 155 -12.27 3.12 22.46
CA GLN A 155 -12.16 4.52 22.89
C GLN A 155 -11.32 5.40 21.94
N LEU A 156 -10.66 4.79 20.92
CA LEU A 156 -9.82 5.55 19.98
C LEU A 156 -10.70 6.24 18.93
N LYS A 157 -11.44 7.27 19.40
CA LYS A 157 -12.44 8.01 18.63
C LYS A 157 -11.88 8.84 17.45
N SER A 158 -10.55 8.93 17.26
CA SER A 158 -9.97 9.67 16.14
C SER A 158 -9.18 8.77 15.16
N LEU A 159 -9.03 7.47 15.46
CA LEU A 159 -8.23 6.54 14.63
C LEU A 159 -8.64 6.47 13.17
N LYS A 160 -7.68 6.71 12.26
CA LYS A 160 -7.90 6.66 10.82
C LYS A 160 -7.19 5.44 10.19
N ASN A 161 -6.02 5.08 10.73
CA ASN A 161 -5.17 4.02 10.21
C ASN A 161 -4.84 3.01 11.27
N LEU A 162 -5.26 1.75 11.07
CA LEU A 162 -4.95 0.67 11.99
C LEU A 162 -4.27 -0.44 11.20
N ASP A 163 -2.96 -0.68 11.47
CA ASP A 163 -2.16 -1.67 10.78
C ASP A 163 -1.84 -2.85 11.70
N LEU A 164 -2.48 -3.99 11.41
CA LEU A 164 -2.34 -5.24 12.16
C LEU A 164 -1.72 -6.33 11.30
N ASN A 165 -1.14 -5.95 10.15
CA ASN A 165 -0.48 -6.86 9.20
C ASN A 165 0.56 -7.73 9.94
N HIS A 166 0.62 -9.04 9.66
CA HIS A 166 1.57 -9.98 10.32
C HIS A 166 1.40 -10.03 11.87
N ASN A 167 0.26 -10.49 12.34
CA ASN A 167 0.05 -10.72 13.77
C ASN A 167 -0.54 -12.10 13.89
N GLU A 168 -1.22 -12.43 15.02
CA GLU A 168 -1.76 -13.78 15.18
C GLU A 168 -3.28 -13.78 15.37
N PHE A 169 -3.99 -12.80 14.78
CA PHE A 169 -5.44 -12.68 14.92
C PHE A 169 -6.19 -13.81 14.26
N THR A 170 -7.13 -14.45 15.00
CA THR A 170 -8.01 -15.51 14.47
C THR A 170 -9.40 -14.94 14.21
N THR A 171 -9.76 -13.83 14.85
CA THR A 171 -11.02 -13.10 14.65
C THR A 171 -10.74 -11.59 14.77
N VAL A 172 -11.59 -10.75 14.21
CA VAL A 172 -11.53 -9.29 14.31
C VAL A 172 -12.49 -8.97 15.47
N SER A 173 -12.04 -8.34 16.55
CA SER A 173 -12.96 -8.03 17.66
C SER A 173 -14.07 -7.04 17.27
N LYS A 174 -15.24 -7.12 17.97
CA LYS A 174 -16.34 -6.18 17.71
C LYS A 174 -15.96 -4.74 18.15
N GLU A 175 -14.94 -4.58 19.03
CA GLU A 175 -14.44 -3.24 19.44
C GLU A 175 -13.69 -2.52 18.32
N VAL A 176 -12.95 -3.27 17.46
CA VAL A 176 -12.27 -2.68 16.28
C VAL A 176 -13.34 -2.12 15.34
N LEU A 178 -16.08 -0.81 16.16
CA LEU A 178 -16.69 0.41 16.70
C LEU A 178 -15.87 1.67 16.35
N LEU A 179 -14.69 1.50 15.72
CA LEU A 179 -13.82 2.61 15.32
C LEU A 179 -14.29 3.18 13.99
N GLU A 180 -15.46 3.86 14.03
CA GLU A 180 -16.15 4.39 12.86
C GLU A 180 -15.38 5.45 12.08
N THR A 181 -14.28 6.01 12.63
CA THR A 181 -13.46 6.98 11.89
C THR A 181 -12.38 6.29 11.00
N LEU A 182 -12.23 4.95 11.11
CA LEU A 182 -11.21 4.22 10.32
C LEU A 182 -11.35 4.43 8.83
N GLU A 183 -10.21 4.73 8.17
CA GLU A 183 -10.13 4.90 6.73
C GLU A 183 -9.33 3.78 6.08
N ASN A 184 -8.35 3.26 6.81
CA ASN A 184 -7.46 2.23 6.30
C ASN A 184 -7.29 1.15 7.36
N LEU A 185 -7.74 -0.07 7.05
CA LEU A 185 -7.61 -1.21 7.96
C LEU A 185 -6.81 -2.30 7.27
N ASP A 186 -5.64 -2.62 7.86
CA ASP A 186 -4.73 -3.61 7.32
C ASP A 186 -4.69 -4.82 8.24
N LEU A 187 -5.30 -5.93 7.80
CA LEU A 187 -5.31 -7.18 8.57
C LEU A 187 -4.63 -8.30 7.80
N ARG A 188 -3.68 -7.93 6.92
CA ARG A 188 -2.96 -8.91 6.11
C ARG A 188 -2.13 -9.88 6.95
N SER A 189 -1.86 -11.06 6.42
CA SER A 189 -1.06 -12.11 7.04
C SER A 189 -1.44 -12.41 8.49
N ASN A 190 -2.74 -12.65 8.76
CA ASN A 190 -3.18 -13.10 10.07
C ASN A 190 -3.76 -14.52 9.88
N LYS A 191 -4.67 -14.96 10.76
CA LYS A 191 -5.26 -16.29 10.65
C LYS A 191 -6.78 -16.16 10.62
N LEU A 192 -7.28 -15.13 9.88
CA LEU A 192 -8.71 -14.83 9.86
C LEU A 192 -9.51 -15.86 9.09
N LYS A 193 -10.61 -16.32 9.70
CA LYS A 193 -11.51 -17.28 9.07
C LYS A 193 -12.82 -16.63 8.69
N THR A 194 -13.21 -15.55 9.35
CA THR A 194 -14.44 -14.81 9.09
C THR A 194 -14.25 -13.31 9.34
N ILE A 195 -15.14 -12.49 8.81
CA ILE A 195 -15.21 -11.04 9.00
C ILE A 195 -16.56 -10.79 9.71
N PRO A 196 -16.59 -10.09 10.85
CA PRO A 196 -17.88 -9.87 11.55
C PRO A 196 -18.92 -9.06 10.80
N LYS A 197 -20.21 -9.30 11.10
CA LYS A 197 -21.31 -8.54 10.52
C LYS A 197 -21.16 -7.04 10.88
N GLU A 198 -20.53 -6.74 12.05
CA GLU A 198 -20.34 -5.38 12.53
C GLU A 198 -19.43 -4.52 11.62
N ILE A 199 -18.85 -5.12 10.54
CA ILE A 199 -18.04 -4.41 9.53
C ILE A 199 -18.84 -3.26 8.92
N ARG A 200 -20.20 -3.38 8.90
CA ARG A 200 -21.10 -2.33 8.37
C ARG A 200 -20.89 -0.99 9.05
N GLN A 201 -20.40 -1.03 10.30
CA GLN A 201 -20.17 0.19 11.10
C GLN A 201 -18.97 1.02 10.61
N LEU A 202 -18.08 0.42 9.81
CA LEU A 202 -16.89 1.14 9.33
C LEU A 202 -17.20 1.88 8.03
N LYS A 203 -18.15 2.84 8.10
CA LYS A 203 -18.66 3.60 6.98
C LYS A 203 -17.65 4.59 6.39
N SER A 204 -16.57 4.95 7.09
CA SER A 204 -15.54 5.82 6.50
C SER A 204 -14.40 5.05 5.82
N LEU A 205 -14.40 3.71 5.91
CA LEU A 205 -13.36 2.86 5.36
C LEU A 205 -13.17 3.04 3.86
N LYS A 206 -11.93 3.37 3.47
CA LYS A 206 -11.55 3.55 2.08
C LYS A 206 -10.69 2.38 1.59
N VAL A 207 -9.88 1.78 2.48
CA VAL A 207 -8.97 0.67 2.16
C VAL A 207 -9.15 -0.43 3.17
N LEU A 208 -9.39 -1.65 2.69
CA LEU A 208 -9.50 -2.84 3.51
C LEU A 208 -8.57 -3.90 2.91
N LEU A 210 -7.02 -7.62 3.40
CA LEU A 210 -7.22 -8.93 4.04
C LEU A 210 -6.39 -10.03 3.39
N THR A 211 -5.42 -9.63 2.53
CA THR A 211 -4.49 -10.54 1.84
C THR A 211 -3.77 -11.44 2.83
N GLY A 212 -3.70 -12.73 2.51
CA GLY A 212 -3.02 -13.72 3.33
C GLY A 212 -3.78 -14.06 4.59
N ASN A 213 -4.96 -14.67 4.43
CA ASN A 213 -5.76 -15.13 5.57
C ASN A 213 -6.46 -16.44 5.13
N GLN A 214 -7.56 -16.86 5.77
CA GLN A 214 -8.23 -18.12 5.44
C GLN A 214 -9.71 -17.90 5.20
N LEU A 215 -10.08 -16.75 4.64
CA LEU A 215 -11.47 -16.39 4.37
C LEU A 215 -12.10 -17.21 3.26
N THR A 216 -13.38 -17.63 3.43
CA THR A 216 -14.13 -18.39 2.42
C THR A 216 -15.30 -17.56 1.95
N SER A 217 -15.72 -16.58 2.74
CA SER A 217 -16.87 -15.74 2.42
C SER A 217 -16.78 -14.44 3.17
N LEU A 218 -17.63 -13.49 2.82
CA LEU A 218 -17.76 -12.18 3.43
C LEU A 218 -19.20 -12.02 3.91
N PRO A 219 -19.44 -11.30 5.03
CA PRO A 219 -20.83 -11.10 5.48
C PRO A 219 -21.56 -10.15 4.52
N LYS A 220 -22.90 -10.24 4.45
CA LYS A 220 -23.72 -9.36 3.62
C LYS A 220 -23.46 -7.90 3.93
N GLU A 221 -23.19 -7.60 5.20
CA GLU A 221 -22.94 -6.25 5.74
C GLU A 221 -21.78 -5.51 5.08
N ILE A 222 -20.90 -6.22 4.36
CA ILE A 222 -19.78 -5.57 3.66
C ILE A 222 -20.32 -4.66 2.55
N GLU A 223 -21.57 -4.92 2.06
CA GLU A 223 -22.20 -4.11 1.03
C GLU A 223 -22.41 -2.66 1.48
N GLN A 224 -22.40 -2.45 2.80
CA GLN A 224 -22.58 -1.13 3.40
C GLN A 224 -21.30 -0.28 3.44
N LEU A 225 -20.17 -0.80 2.92
CA LEU A 225 -18.90 -0.05 2.89
C LEU A 225 -18.84 0.78 1.62
N GLN A 226 -19.72 1.79 1.53
CA GLN A 226 -19.88 2.65 0.35
C GLN A 226 -18.72 3.60 0.11
N ASN A 227 -17.84 3.82 1.08
CA ASN A 227 -16.64 4.63 0.87
C ASN A 227 -15.43 3.82 0.40
N LEU A 228 -15.57 2.48 0.39
CA LEU A 228 -14.46 1.60 0.02
C LEU A 228 -13.98 1.79 -1.40
N LYS A 229 -12.67 2.00 -1.59
CA LYS A 229 -12.04 2.19 -2.89
C LYS A 229 -11.18 1.00 -3.22
N THR A 230 -10.52 0.41 -2.20
CA THR A 230 -9.61 -0.73 -2.33
C THR A 230 -10.02 -1.87 -1.47
N LEU A 231 -10.19 -3.05 -2.09
CA LEU A 231 -10.54 -4.27 -1.38
C LEU A 231 -9.60 -5.39 -1.81
N ASN A 232 -8.70 -5.76 -0.92
CA ASN A 232 -7.66 -6.75 -1.19
C ASN A 232 -7.94 -8.04 -0.44
N LEU A 233 -8.34 -9.05 -1.21
CA LEU A 233 -8.76 -10.38 -0.75
C LEU A 233 -7.93 -11.51 -1.34
N GLY A 234 -6.77 -11.15 -1.91
CA GLY A 234 -5.88 -12.15 -2.49
C GLY A 234 -5.33 -13.09 -1.45
N GLU A 235 -4.84 -14.26 -1.88
CA GLU A 235 -4.24 -15.24 -0.96
C GLU A 235 -5.21 -15.64 0.19
N ASN A 236 -6.42 -16.06 -0.18
CA ASN A 236 -7.40 -16.49 0.81
C ASN A 236 -7.97 -17.83 0.37
N ARG A 237 -9.18 -18.19 0.83
CA ARG A 237 -9.80 -19.46 0.52
C ARG A 237 -11.19 -19.32 -0.13
N PHE A 238 -11.37 -18.30 -1.01
CA PHE A 238 -12.64 -18.08 -1.70
C PHE A 238 -12.83 -19.07 -2.84
N GLN A 239 -13.85 -19.91 -2.76
CA GLN A 239 -14.20 -20.84 -3.82
C GLN A 239 -15.45 -20.29 -4.49
N ILE A 240 -16.37 -19.73 -3.68
CA ILE A 240 -17.59 -19.07 -4.16
C ILE A 240 -17.25 -17.59 -4.20
N PHE A 241 -17.47 -16.97 -5.35
CA PHE A 241 -17.23 -15.55 -5.51
C PHE A 241 -18.12 -14.76 -4.51
N PRO A 242 -17.52 -13.93 -3.63
CA PRO A 242 -18.33 -13.17 -2.66
C PRO A 242 -19.16 -12.09 -3.35
N VAL A 243 -20.38 -12.43 -3.82
CA VAL A 243 -21.26 -11.51 -4.57
C VAL A 243 -21.64 -10.23 -3.79
N GLU A 244 -21.45 -10.21 -2.46
CA GLU A 244 -21.69 -9.00 -1.64
C GLU A 244 -20.82 -7.81 -2.14
N ILE A 245 -19.58 -8.12 -2.52
CA ILE A 245 -18.64 -7.06 -2.90
C ILE A 245 -19.01 -6.41 -4.23
N LEU A 246 -19.94 -7.02 -4.98
CA LEU A 246 -20.35 -6.53 -6.29
C LEU A 246 -21.44 -5.45 -6.21
N GLU A 247 -21.79 -5.04 -4.99
CA GLU A 247 -22.74 -3.97 -4.65
C GLU A 247 -21.98 -2.62 -4.48
N LEU A 248 -20.65 -2.70 -4.27
CA LEU A 248 -19.73 -1.57 -4.06
C LEU A 248 -19.42 -0.80 -5.36
N LYS A 249 -20.42 -0.06 -5.87
CA LYS A 249 -20.37 0.67 -7.15
C LYS A 249 -19.29 1.77 -7.21
N ASN A 250 -18.69 2.15 -6.08
CA ASN A 250 -17.62 3.13 -6.07
C ASN A 250 -16.22 2.51 -5.86
N LEU A 251 -16.15 1.16 -5.81
CA LEU A 251 -14.88 0.46 -5.65
C LEU A 251 -13.97 0.72 -6.86
N LEU A 252 -12.68 0.99 -6.62
CA LEU A 252 -11.73 1.25 -7.73
C LEU A 252 -10.77 0.09 -7.95
N GLU A 253 -10.44 -0.63 -6.90
CA GLU A 253 -9.47 -1.73 -7.00
C GLU A 253 -9.96 -2.94 -6.24
N LEU A 254 -9.92 -4.09 -6.91
CA LEU A 254 -10.33 -5.37 -6.36
C LEU A 254 -9.28 -6.44 -6.64
N ASN A 255 -8.70 -7.01 -5.58
CA ASN A 255 -7.72 -8.08 -5.70
C ASN A 255 -8.30 -9.36 -5.12
N LEU A 256 -8.40 -10.42 -5.95
CA LEU A 256 -8.92 -11.74 -5.55
C LEU A 256 -8.04 -12.86 -6.09
N TYR A 257 -6.75 -12.53 -6.31
CA TYR A 257 -5.78 -13.48 -6.82
C TYR A 257 -5.49 -14.57 -5.79
N TYR A 258 -4.99 -15.72 -6.24
CA TYR A 258 -4.63 -16.80 -5.33
C TYR A 258 -5.81 -17.25 -4.44
N ASN A 259 -6.96 -17.42 -5.07
CA ASN A 259 -8.14 -18.01 -4.43
C ASN A 259 -8.47 -19.31 -5.20
N GLN A 260 -9.69 -19.85 -5.06
CA GLN A 260 -10.05 -21.10 -5.75
C GLN A 260 -11.35 -20.87 -6.48
N LEU A 261 -11.53 -19.65 -7.01
CA LEU A 261 -12.74 -19.20 -7.69
C LEU A 261 -13.03 -19.96 -8.99
N VAL A 262 -14.24 -20.50 -9.11
CA VAL A 262 -14.66 -21.28 -10.27
C VAL A 262 -15.54 -20.47 -11.20
N GLU A 263 -16.15 -19.40 -10.68
CA GLU A 263 -17.06 -18.52 -11.42
C GLU A 263 -16.62 -17.05 -11.32
N PHE A 264 -16.68 -16.35 -12.46
CA PHE A 264 -16.42 -14.92 -12.62
C PHE A 264 -17.87 -14.40 -12.92
N PRO A 265 -18.65 -14.00 -11.89
CA PRO A 265 -20.07 -13.63 -12.11
C PRO A 265 -20.32 -12.38 -12.95
N LYS A 266 -21.43 -12.42 -13.71
CA LYS A 266 -21.87 -11.33 -14.58
C LYS A 266 -22.09 -10.03 -13.80
N GLU A 267 -22.42 -10.13 -12.49
CA GLU A 267 -22.67 -9.00 -11.60
C GLU A 267 -21.44 -8.10 -11.39
N VAL A 268 -20.22 -8.57 -11.78
CA VAL A 268 -19.00 -7.77 -11.73
C VAL A 268 -19.20 -6.49 -12.58
N GLY A 269 -20.09 -6.59 -13.58
CA GLY A 269 -20.45 -5.48 -14.46
C GLY A 269 -21.06 -4.29 -13.71
N GLN A 270 -21.51 -4.52 -12.45
CA GLN A 270 -22.08 -3.49 -11.57
C GLN A 270 -21.00 -2.68 -10.84
N LEU A 271 -19.73 -3.09 -10.93
CA LEU A 271 -18.62 -2.34 -10.33
C LEU A 271 -18.14 -1.32 -11.36
N LYS A 272 -19.01 -0.34 -11.70
CA LYS A 272 -18.77 0.63 -12.78
C LYS A 272 -17.56 1.57 -12.62
N SER A 273 -17.08 1.79 -11.39
CA SER A 273 -15.93 2.66 -11.18
C SER A 273 -14.62 1.88 -11.12
N LEU A 274 -14.69 0.55 -11.26
CA LEU A 274 -13.52 -0.29 -11.15
C LEU A 274 -12.43 0.11 -12.14
N LYS A 275 -11.21 0.27 -11.61
CA LYS A 275 -10.02 0.63 -12.39
C LYS A 275 -9.07 -0.54 -12.47
N TYR A 276 -9.07 -1.40 -11.44
CA TYR A 276 -8.11 -2.50 -11.31
C TYR A 276 -8.81 -3.73 -10.82
N LEU A 277 -8.59 -4.84 -11.55
CA LEU A 277 -9.15 -6.11 -11.19
C LEU A 277 -8.14 -7.21 -11.38
N SER A 278 -7.84 -7.94 -10.30
CA SER A 278 -6.99 -9.13 -10.41
C SER A 278 -7.70 -10.38 -9.93
N LEU A 279 -7.75 -11.38 -10.80
CA LEU A 279 -8.25 -12.70 -10.50
C LEU A 279 -7.22 -13.76 -10.89
N TYR A 280 -5.92 -13.35 -10.85
CA TYR A 280 -4.76 -14.22 -11.12
C TYR A 280 -4.80 -15.50 -10.25
N HIS A 281 -4.55 -16.70 -10.86
CA HIS A 281 -4.40 -17.94 -10.10
C HIS A 281 -5.68 -18.38 -9.40
N ASN A 282 -6.69 -18.68 -10.21
CA ASN A 282 -7.99 -19.20 -9.76
C ASN A 282 -8.37 -20.37 -10.70
N GLN A 283 -9.66 -20.68 -10.85
CA GLN A 283 -10.13 -21.78 -11.69
C GLN A 283 -11.18 -21.26 -12.64
N ILE A 284 -11.03 -20.00 -13.06
CA ILE A 284 -11.99 -19.33 -13.94
C ILE A 284 -11.90 -19.89 -15.37
N THR A 285 -13.07 -20.16 -16.00
CA THR A 285 -13.11 -20.74 -17.35
C THR A 285 -13.64 -19.76 -18.36
N THR A 286 -14.58 -18.93 -17.93
CA THR A 286 -15.27 -18.02 -18.84
C THR A 286 -15.21 -16.62 -18.36
N LEU A 287 -15.00 -15.70 -19.30
CA LEU A 287 -15.01 -14.26 -19.04
C LEU A 287 -16.34 -13.68 -19.50
N PRO A 288 -17.19 -13.21 -18.54
CA PRO A 288 -18.49 -12.67 -18.97
C PRO A 288 -18.38 -11.34 -19.72
N VAL A 289 -19.29 -11.14 -20.68
CA VAL A 289 -19.42 -9.93 -21.48
C VAL A 289 -19.49 -8.67 -20.59
N GLU A 290 -20.11 -8.79 -19.38
CA GLU A 290 -20.29 -7.70 -18.41
C GLU A 290 -18.99 -7.09 -17.90
N VAL A 291 -17.89 -7.86 -17.86
CA VAL A 291 -16.57 -7.37 -17.43
C VAL A 291 -16.01 -6.37 -18.45
N THR A 292 -16.37 -6.54 -19.73
CA THR A 292 -15.93 -5.62 -20.80
C THR A 292 -16.64 -4.27 -20.71
N GLN A 293 -17.77 -4.26 -19.96
CA GLN A 293 -18.65 -3.10 -19.67
C GLN A 293 -18.16 -2.25 -18.49
N LEU A 294 -16.86 -2.34 -18.12
CA LEU A 294 -16.29 -1.53 -17.05
C LEU A 294 -15.52 -0.40 -17.75
N PRO A 295 -16.11 0.81 -17.87
CA PRO A 295 -15.49 1.87 -18.71
C PRO A 295 -14.15 2.41 -18.25
N ASP A 296 -13.89 2.38 -16.94
CA ASP A 296 -12.66 2.93 -16.36
C ASP A 296 -11.58 1.86 -16.08
N LEU A 297 -11.83 0.59 -16.45
CA LEU A 297 -10.87 -0.47 -16.19
C LEU A 297 -9.56 -0.24 -16.95
N GLN A 298 -8.45 -0.16 -16.20
CA GLN A 298 -7.09 0.07 -16.69
C GLN A 298 -6.26 -1.21 -16.63
N GLU A 299 -6.47 -2.05 -15.59
CA GLU A 299 -5.72 -3.30 -15.47
C GLU A 299 -6.66 -4.47 -15.25
N LEU A 300 -6.45 -5.54 -16.02
CA LEU A 300 -7.23 -6.77 -15.90
C LEU A 300 -6.26 -7.94 -15.87
N HIS A 301 -6.10 -8.56 -14.68
CA HIS A 301 -5.15 -9.65 -14.44
C HIS A 301 -5.86 -10.97 -14.31
N LEU A 302 -5.73 -11.83 -15.34
CA LEU A 302 -6.42 -13.11 -15.40
C LEU A 302 -5.50 -14.32 -15.66
N SER A 303 -4.18 -14.16 -15.45
CA SER A 303 -3.24 -15.26 -15.65
C SER A 303 -3.51 -16.41 -14.68
N GLY A 304 -3.10 -17.62 -15.05
CA GLY A 304 -3.27 -18.78 -14.20
C GLY A 304 -4.71 -19.15 -13.98
N ASN A 305 -5.45 -19.34 -15.07
CA ASN A 305 -6.84 -19.74 -15.03
C ASN A 305 -7.05 -20.82 -16.11
N LYS A 306 -8.29 -21.03 -16.58
CA LYS A 306 -8.60 -22.05 -17.61
C LYS A 306 -9.46 -21.45 -18.69
N ILE A 307 -9.18 -20.19 -19.02
CA ILE A 307 -9.91 -19.45 -20.04
C ILE A 307 -9.51 -19.95 -21.43
N THR A 308 -10.51 -20.25 -22.27
CA THR A 308 -10.26 -20.75 -23.62
C THR A 308 -10.50 -19.69 -24.67
N ILE A 309 -11.38 -18.71 -24.41
CA ILE A 309 -11.69 -17.65 -25.39
C ILE A 309 -11.94 -16.31 -24.75
N LEU A 310 -11.78 -15.25 -25.55
CA LEU A 310 -12.10 -13.87 -25.14
C LEU A 310 -13.28 -13.43 -25.97
N PRO A 311 -14.30 -12.79 -25.37
CA PRO A 311 -15.41 -12.32 -26.20
C PRO A 311 -14.97 -11.13 -27.04
N LYS A 312 -15.62 -10.94 -28.20
CA LYS A 312 -15.34 -9.81 -29.11
C LYS A 312 -15.64 -8.47 -28.43
N GLU A 313 -16.49 -8.48 -27.38
CA GLU A 313 -16.86 -7.25 -26.67
C GLU A 313 -15.69 -6.68 -25.84
N ILE A 314 -14.51 -7.35 -25.86
CA ILE A 314 -13.27 -6.86 -25.23
C ILE A 314 -12.93 -5.42 -25.69
N LEU A 315 -13.36 -5.06 -26.93
CA LEU A 315 -13.18 -3.74 -27.56
C LEU A 315 -13.71 -2.59 -26.72
N GLN A 316 -14.71 -2.87 -25.85
CA GLN A 316 -15.36 -1.89 -24.97
C GLN A 316 -14.44 -1.38 -23.85
N LEU A 317 -13.38 -2.16 -23.51
CA LEU A 317 -12.43 -1.77 -22.48
C LEU A 317 -11.43 -0.74 -23.05
N LYS A 318 -11.92 0.43 -23.45
CA LYS A 318 -11.14 1.50 -24.09
C LYS A 318 -9.99 2.09 -23.25
N ASN A 319 -10.13 2.01 -21.93
CA ASN A 319 -9.14 2.54 -21.00
C ASN A 319 -8.11 1.50 -20.55
N LEU A 320 -8.21 0.27 -21.06
CA LEU A 320 -7.32 -0.81 -20.61
C LEU A 320 -5.86 -0.62 -21.05
N GLU A 321 -4.94 -0.69 -20.09
CA GLU A 321 -3.49 -0.55 -20.32
C GLU A 321 -2.71 -1.84 -20.08
N TRP A 322 -3.27 -2.75 -19.29
CA TRP A 322 -2.58 -3.99 -18.95
C TRP A 322 -3.57 -5.13 -18.97
N LEU A 323 -3.28 -6.12 -19.81
CA LEU A 323 -4.09 -7.32 -19.89
C LEU A 323 -3.19 -8.53 -19.69
N SER A 324 -3.43 -9.32 -18.64
CA SER A 324 -2.60 -10.50 -18.40
C SER A 324 -3.44 -11.75 -18.50
N LEU A 325 -3.03 -12.64 -19.40
CA LEU A 325 -3.74 -13.90 -19.67
C LEU A 325 -2.77 -15.07 -19.83
N SER A 326 -1.60 -15.03 -19.14
CA SER A 326 -0.64 -16.14 -19.22
C SER A 326 -1.22 -17.37 -18.55
N ASN A 327 -0.68 -18.55 -18.87
CA ASN A 327 -1.10 -19.81 -18.25
C ASN A 327 -2.59 -20.01 -18.24
N ASN A 328 -3.18 -19.91 -19.41
CA ASN A 328 -4.60 -20.17 -19.62
C ASN A 328 -4.68 -21.25 -20.72
N LYS A 329 -5.77 -21.33 -21.48
CA LYS A 329 -5.93 -22.32 -22.56
C LYS A 329 -6.43 -21.59 -23.82
N LEU A 330 -5.96 -20.34 -24.04
CA LEU A 330 -6.41 -19.53 -25.16
C LEU A 330 -5.98 -20.11 -26.51
N ASN A 331 -6.95 -20.30 -27.42
CA ASN A 331 -6.70 -20.85 -28.76
C ASN A 331 -6.52 -19.74 -29.78
N ALA A 332 -7.08 -18.56 -29.48
CA ALA A 332 -7.04 -17.41 -30.36
C ALA A 332 -7.31 -16.14 -29.59
N LEU A 333 -7.03 -14.99 -30.23
CA LEU A 333 -7.38 -13.66 -29.76
C LEU A 333 -8.37 -13.10 -30.77
N PRO A 334 -9.47 -12.44 -30.34
CA PRO A 334 -10.38 -11.84 -31.34
C PRO A 334 -9.71 -10.64 -32.00
N LYS A 335 -10.08 -10.32 -33.27
CA LYS A 335 -9.54 -9.16 -34.00
C LYS A 335 -9.84 -7.84 -33.28
N GLU A 336 -10.86 -7.86 -32.41
CA GLU A 336 -11.30 -6.72 -31.61
C GLU A 336 -10.24 -6.28 -30.59
N ILE A 337 -9.21 -7.13 -30.32
CA ILE A 337 -8.08 -6.78 -29.43
C ILE A 337 -7.37 -5.50 -29.90
N GLY A 338 -7.41 -5.25 -31.21
CA GLY A 338 -6.78 -4.08 -31.84
C GLY A 338 -7.40 -2.75 -31.46
N GLN A 339 -8.63 -2.76 -30.93
CA GLN A 339 -9.38 -1.56 -30.50
C GLN A 339 -8.96 -1.07 -29.12
N LEU A 340 -8.15 -1.87 -28.38
CA LEU A 340 -7.63 -1.52 -27.06
C LEU A 340 -6.41 -0.62 -27.26
N LYS A 341 -6.65 0.61 -27.73
CA LYS A 341 -5.63 1.60 -28.11
C LYS A 341 -4.66 1.99 -27.00
N LYS A 342 -5.10 1.94 -25.75
CA LYS A 342 -4.26 2.33 -24.61
C LYS A 342 -3.41 1.16 -24.06
N LEU A 343 -3.54 -0.04 -24.62
CA LEU A 343 -2.83 -1.22 -24.15
C LEU A 343 -1.31 -1.08 -24.24
N GLN A 344 -0.65 -1.24 -23.10
CA GLN A 344 0.81 -1.13 -23.00
C GLN A 344 1.47 -2.48 -22.76
N ARG A 345 0.79 -3.36 -22.01
CA ARG A 345 1.31 -4.68 -21.68
C ARG A 345 0.27 -5.72 -21.97
N LEU A 346 0.70 -6.78 -22.68
CA LEU A 346 -0.19 -7.90 -23.00
C LEU A 346 0.57 -9.20 -22.73
N GLU A 347 0.24 -9.91 -21.64
CA GLU A 347 0.92 -11.15 -21.27
C GLU A 347 0.10 -12.37 -21.72
N LEU A 348 0.65 -13.18 -22.64
CA LEU A 348 -0.08 -14.31 -23.23
C LEU A 348 0.72 -15.61 -23.26
N GLY A 349 1.79 -15.67 -22.46
CA GLY A 349 2.64 -16.85 -22.39
C GLY A 349 1.92 -18.09 -21.91
N ASN A 350 2.38 -19.28 -22.34
CA ASN A 350 1.79 -20.55 -21.92
C ASN A 350 0.29 -20.67 -22.23
N ASN A 351 -0.05 -20.53 -23.51
CA ASN A 351 -1.42 -20.70 -24.01
C ASN A 351 -1.37 -21.68 -25.21
N GLN A 352 -2.35 -21.63 -26.13
CA GLN A 352 -2.37 -22.51 -27.31
C GLN A 352 -2.48 -21.66 -28.58
N LEU A 353 -1.94 -20.44 -28.54
CA LEU A 353 -1.96 -19.50 -29.67
C LEU A 353 -1.01 -19.96 -30.80
N THR A 354 -1.46 -19.85 -32.06
CA THR A 354 -0.65 -20.24 -33.23
C THR A 354 -0.39 -19.01 -34.08
N THR A 355 -1.23 -17.98 -33.88
CA THR A 355 -1.16 -16.71 -34.62
C THR A 355 -1.79 -15.59 -33.77
N LEU A 356 -1.74 -14.37 -34.29
CA LEU A 356 -2.39 -13.20 -33.72
C LEU A 356 -3.08 -12.51 -34.88
N PRO A 357 -4.28 -11.92 -34.69
CA PRO A 357 -4.93 -11.21 -35.82
C PRO A 357 -4.10 -10.03 -36.33
N LYS A 358 -4.27 -9.67 -37.62
CA LYS A 358 -3.55 -8.55 -38.24
C LYS A 358 -3.79 -7.27 -37.47
N GLU A 359 -5.03 -7.09 -36.95
CA GLU A 359 -5.50 -5.91 -36.20
C GLU A 359 -4.66 -5.58 -34.96
N ILE A 360 -3.78 -6.49 -34.51
CA ILE A 360 -2.86 -6.24 -33.38
C ILE A 360 -1.90 -5.09 -33.69
N GLU A 361 -1.64 -4.81 -34.99
CA GLU A 361 -0.78 -3.70 -35.45
C GLU A 361 -1.33 -2.34 -35.01
N GLN A 362 -2.64 -2.28 -34.70
CA GLN A 362 -3.33 -1.08 -34.24
C GLN A 362 -2.94 -0.74 -32.78
N LEU A 363 -2.25 -1.67 -32.08
CA LEU A 363 -1.80 -1.49 -30.70
C LEU A 363 -0.50 -0.68 -30.67
N LYS A 364 -0.59 0.61 -31.04
CA LYS A 364 0.53 1.55 -31.14
C LYS A 364 1.23 1.86 -29.83
N ASN A 365 0.51 1.75 -28.69
CA ASN A 365 1.08 2.00 -27.35
C ASN A 365 1.63 0.73 -26.69
N LEU A 366 1.51 -0.43 -27.36
CA LEU A 366 2.00 -1.70 -26.81
C LEU A 366 3.51 -1.69 -26.68
N GLN A 367 4.01 -1.80 -25.45
CA GLN A 367 5.45 -1.80 -25.16
C GLN A 367 6.02 -3.21 -24.96
N ARG A 368 5.21 -4.13 -24.36
CA ARG A 368 5.62 -5.53 -24.11
C ARG A 368 4.52 -6.54 -24.43
N LEU A 369 4.91 -7.57 -25.17
CA LEU A 369 4.02 -8.65 -25.58
C LEU A 369 4.72 -9.93 -25.23
N GLU A 370 4.07 -10.76 -24.41
CA GLU A 370 4.66 -12.03 -24.00
C GLU A 370 3.98 -13.19 -24.71
N LEU A 371 4.78 -13.97 -25.46
CA LEU A 371 4.25 -15.08 -26.24
C LEU A 371 5.02 -16.38 -26.08
N ASP A 372 5.86 -16.53 -25.04
CA ASP A 372 6.60 -17.78 -24.81
C ASP A 372 5.65 -18.95 -24.58
N SER A 373 6.12 -20.19 -24.83
CA SER A 373 5.37 -21.44 -24.60
C SER A 373 3.97 -21.42 -25.27
N ASN A 374 3.95 -20.97 -26.53
CA ASN A 374 2.80 -20.98 -27.42
C ASN A 374 3.25 -21.69 -28.72
N PRO A 375 2.37 -22.48 -29.39
CA PRO A 375 2.77 -23.13 -30.66
C PRO A 375 2.81 -22.17 -31.87
N ILE A 376 3.76 -21.21 -31.83
CA ILE A 376 3.93 -20.21 -32.87
C ILE A 376 5.16 -20.61 -33.70
N SER A 377 4.96 -20.80 -35.02
CA SER A 377 6.02 -21.20 -35.95
C SER A 377 7.01 -20.04 -36.23
N PRO A 378 8.29 -20.29 -36.62
CA PRO A 378 9.23 -19.18 -36.89
C PRO A 378 8.75 -18.13 -37.87
N LYS A 379 8.04 -18.54 -38.94
CA LYS A 379 7.51 -17.60 -39.93
C LYS A 379 6.39 -16.76 -39.32
N GLU A 380 5.64 -17.32 -38.35
CA GLU A 380 4.58 -16.58 -37.68
C GLU A 380 5.18 -15.54 -36.71
N LYS A 381 6.28 -15.91 -36.02
CA LYS A 381 7.02 -15.04 -35.11
C LYS A 381 7.51 -13.81 -35.89
N GLU A 382 8.02 -14.04 -37.14
CA GLU A 382 8.46 -13.01 -38.08
C GLU A 382 7.32 -12.06 -38.41
N ARG A 383 6.15 -12.62 -38.80
CA ARG A 383 4.95 -11.84 -39.13
C ARG A 383 4.54 -10.95 -37.93
N ILE A 384 4.52 -11.53 -36.71
CA ILE A 384 4.15 -10.81 -35.48
C ILE A 384 5.09 -9.63 -35.26
N ARG A 385 6.42 -9.87 -35.35
CA ARG A 385 7.46 -8.83 -35.21
C ARG A 385 7.21 -7.68 -36.17
N LYS A 386 6.78 -7.99 -37.42
CA LYS A 386 6.51 -6.99 -38.44
C LYS A 386 5.23 -6.20 -38.16
N LEU A 387 4.23 -6.83 -37.51
CA LEU A 387 2.99 -6.15 -37.15
C LEU A 387 3.23 -5.16 -36.01
N LEU A 388 4.17 -5.46 -35.09
CA LEU A 388 4.52 -4.62 -33.94
C LEU A 388 6.05 -4.37 -33.88
N PRO A 389 6.60 -3.57 -34.82
CA PRO A 389 8.07 -3.38 -34.86
C PRO A 389 8.71 -2.63 -33.70
N LYS A 390 7.93 -1.78 -33.01
CA LYS A 390 8.46 -1.00 -31.88
C LYS A 390 8.23 -1.67 -30.52
N CYS A 391 7.49 -2.79 -30.50
CA CYS A 391 7.14 -3.53 -29.28
C CYS A 391 8.24 -4.53 -28.91
N GLU A 392 8.46 -4.73 -27.60
CA GLU A 392 9.37 -5.74 -27.11
C GLU A 392 8.55 -7.03 -27.08
N ILE A 393 8.90 -8.03 -27.90
CA ILE A 393 8.14 -9.28 -27.98
C ILE A 393 8.99 -10.43 -27.50
N ASP A 394 8.51 -11.16 -26.46
CA ASP A 394 9.21 -12.34 -25.93
C ASP A 394 8.58 -13.59 -26.54
N PHE A 395 9.36 -14.38 -27.31
CA PHE A 395 8.81 -15.64 -27.82
C PHE A 395 9.34 -16.83 -27.05
N ILE B 4 -14.26 16.12 21.21
CA ILE B 4 -14.58 15.24 20.09
C ILE B 4 -15.99 14.68 20.26
N GLN B 5 -16.84 14.84 19.23
CA GLN B 5 -18.25 14.46 19.27
C GLN B 5 -18.59 13.28 18.36
N LYS B 6 -19.49 12.38 18.85
CA LYS B 6 -20.04 11.27 18.08
C LYS B 6 -20.86 11.94 16.96
N PRO B 7 -20.75 11.50 15.69
CA PRO B 7 -21.45 12.22 14.63
C PRO B 7 -22.97 12.14 14.67
N TYR B 8 -23.60 13.26 14.34
CA TYR B 8 -25.03 13.34 14.15
C TYR B 8 -25.24 12.78 12.74
N LYS B 9 -25.95 11.66 12.62
CA LYS B 9 -26.20 11.07 11.32
C LYS B 9 -27.63 11.37 10.88
N ASN B 10 -28.43 11.87 11.80
CA ASN B 10 -29.83 12.20 11.53
C ASN B 10 -29.99 13.70 11.49
N LEU B 11 -30.21 14.24 10.29
CA LEU B 11 -30.39 15.69 10.07
C LEU B 11 -31.52 16.28 10.95
N ALA B 12 -32.62 15.53 11.16
CA ALA B 12 -33.74 15.99 11.98
C ALA B 12 -33.28 16.14 13.44
N LYS B 13 -32.50 15.18 13.95
CA LYS B 13 -31.95 15.20 15.31
C LYS B 13 -31.00 16.39 15.48
N ALA B 14 -30.17 16.66 14.45
CA ALA B 14 -29.24 17.78 14.47
C ALA B 14 -29.98 19.12 14.53
N LEU B 15 -31.05 19.25 13.74
CA LEU B 15 -31.83 20.48 13.67
C LEU B 15 -32.73 20.71 14.92
N GLN B 16 -32.91 19.70 15.81
CA GLN B 16 -33.68 19.84 17.06
C GLN B 16 -32.90 20.67 18.09
N ASN B 17 -31.55 20.51 18.13
CA ASN B 17 -30.72 21.30 19.06
C ASN B 17 -29.45 21.69 18.28
N PRO B 18 -29.61 22.64 17.33
CA PRO B 18 -28.51 23.02 16.45
C PRO B 18 -27.22 23.50 17.11
N ALA B 19 -27.32 24.23 18.23
CA ALA B 19 -26.15 24.75 18.93
C ALA B 19 -25.20 23.65 19.45
N ASP B 20 -25.74 22.45 19.74
CA ASP B 20 -24.94 21.33 20.24
C ASP B 20 -24.26 20.51 19.09
N VAL B 21 -24.50 20.87 17.83
CA VAL B 21 -23.98 20.07 16.73
C VAL B 21 -22.58 20.50 16.31
N ARG B 22 -21.59 19.66 16.63
CA ARG B 22 -20.19 19.92 16.24
C ARG B 22 -19.77 18.99 15.09
N ASN B 23 -20.37 17.80 15.03
CA ASN B 23 -20.05 16.78 14.04
C ASN B 23 -21.33 16.27 13.35
N LEU B 24 -21.42 16.52 12.03
CA LEU B 24 -22.56 16.10 11.21
C LEU B 24 -22.06 15.23 10.04
N ASP B 25 -22.58 14.00 9.95
CA ASP B 25 -22.24 13.06 8.88
C ASP B 25 -23.52 12.69 8.08
N LEU B 26 -23.68 13.35 6.92
CA LEU B 26 -24.81 13.12 6.02
C LEU B 26 -24.35 12.35 4.76
N SER B 27 -23.22 11.63 4.87
CA SER B 27 -22.67 10.88 3.73
C SER B 27 -23.54 9.74 3.27
N PHE B 28 -23.64 9.59 1.92
CA PHE B 28 -24.37 8.50 1.26
C PHE B 28 -25.83 8.39 1.75
N GLN B 29 -26.53 9.52 1.83
CA GLN B 29 -27.92 9.52 2.33
C GLN B 29 -28.96 9.78 1.24
N GLY B 30 -28.52 9.87 0.00
CA GLY B 30 -29.39 10.12 -1.14
C GLY B 30 -30.00 11.51 -1.10
N LEU B 31 -29.27 12.48 -0.53
CA LEU B 31 -29.73 13.85 -0.40
C LEU B 31 -29.40 14.61 -1.65
N LYS B 32 -30.37 15.37 -2.18
CA LYS B 32 -30.16 16.15 -3.41
C LYS B 32 -29.77 17.57 -3.07
N THR B 33 -30.37 18.14 -2.02
CA THR B 33 -30.07 19.50 -1.57
C THR B 33 -30.10 19.52 -0.06
N LEU B 34 -29.61 20.62 0.54
CA LEU B 34 -29.64 20.82 1.99
C LEU B 34 -30.71 21.83 2.31
N PRO B 35 -31.36 21.76 3.48
CA PRO B 35 -32.35 22.80 3.82
C PRO B 35 -31.64 24.10 4.22
N ASN B 36 -32.30 25.26 4.05
CA ASN B 36 -31.76 26.56 4.46
C ASN B 36 -31.41 26.57 5.95
N LYS B 37 -32.20 25.87 6.78
CA LYS B 37 -32.02 25.66 8.22
C LYS B 37 -30.63 25.14 8.60
N ILE B 38 -29.85 24.56 7.64
CA ILE B 38 -28.49 24.05 7.90
C ILE B 38 -27.58 25.17 8.45
N GLY B 39 -27.89 26.42 8.11
CA GLY B 39 -27.21 27.61 8.60
C GLY B 39 -27.36 27.84 10.09
N GLN B 40 -28.28 27.12 10.75
CA GLN B 40 -28.49 27.17 12.20
C GLN B 40 -27.40 26.37 12.94
N LEU B 41 -26.61 25.53 12.21
CA LEU B 41 -25.53 24.73 12.80
C LEU B 41 -24.23 25.57 12.84
N LYS B 42 -24.29 26.71 13.55
CA LYS B 42 -23.20 27.70 13.64
C LYS B 42 -21.90 27.17 14.30
N ASN B 43 -22.00 26.16 15.16
CA ASN B 43 -20.83 25.60 15.87
C ASN B 43 -20.26 24.35 15.19
N LEU B 44 -20.72 24.08 13.95
CA LEU B 44 -20.28 22.89 13.19
C LEU B 44 -18.77 22.95 12.91
N GLN B 45 -18.06 21.90 13.27
CA GLN B 45 -16.60 21.79 13.07
C GLN B 45 -16.26 20.70 12.04
N LYS B 46 -17.07 19.63 11.97
CA LYS B 46 -16.86 18.51 11.04
C LYS B 46 -18.14 18.27 10.24
N LEU B 47 -18.06 18.32 8.89
CA LEU B 47 -19.19 18.10 8.00
C LEU B 47 -18.81 17.10 6.87
N ASP B 48 -19.57 16.02 6.73
CA ASP B 48 -19.31 15.03 5.68
C ASP B 48 -20.56 15.00 4.78
N LEU B 49 -20.43 15.51 3.55
CA LEU B 49 -21.54 15.53 2.56
C LEU B 49 -21.27 14.58 1.38
N GLY B 50 -20.30 13.68 1.56
CA GLY B 50 -19.86 12.76 0.52
C GLY B 50 -20.92 11.78 0.06
N GLY B 51 -20.89 11.42 -1.22
CA GLY B 51 -21.78 10.41 -1.77
C GLY B 51 -23.23 10.81 -1.90
N ASN B 52 -23.51 12.11 -2.12
CA ASN B 52 -24.87 12.59 -2.32
C ASN B 52 -25.03 13.03 -3.78
N GLU B 53 -25.25 14.32 -4.08
CA GLU B 53 -25.41 14.85 -5.43
C GLU B 53 -24.69 16.19 -5.56
N PRO B 54 -24.30 16.68 -6.77
CA PRO B 54 -23.61 17.99 -6.84
C PRO B 54 -24.39 19.18 -6.24
N THR B 55 -25.73 19.07 -6.23
CA THR B 55 -26.60 20.13 -5.72
C THR B 55 -26.61 20.20 -4.17
N ILE B 56 -25.89 19.27 -3.48
CA ILE B 56 -25.78 19.26 -2.02
C ILE B 56 -24.96 20.47 -1.50
N LEU B 57 -24.26 21.16 -2.41
CA LEU B 57 -23.39 22.28 -2.10
C LEU B 57 -24.18 23.57 -1.89
N SER B 58 -24.93 23.60 -0.79
CA SER B 58 -25.71 24.76 -0.39
C SER B 58 -24.79 25.93 -0.09
N LYS B 59 -25.19 27.13 -0.52
CA LYS B 59 -24.47 28.37 -0.25
C LYS B 59 -24.34 28.62 1.27
N GLU B 60 -25.21 27.97 2.09
CA GLU B 60 -25.18 28.07 3.55
C GLU B 60 -23.92 27.41 4.17
N ILE B 61 -23.29 26.43 3.47
CA ILE B 61 -22.08 25.73 3.97
C ILE B 61 -20.94 26.71 4.19
N TRP B 62 -20.76 27.65 3.26
CA TRP B 62 -19.66 28.61 3.26
C TRP B 62 -19.75 29.69 4.34
N GLN B 63 -20.83 29.69 5.14
CA GLN B 63 -21.03 30.63 6.25
C GLN B 63 -20.82 29.91 7.58
N LEU B 64 -20.51 28.58 7.54
CA LEU B 64 -20.23 27.79 8.74
C LEU B 64 -18.75 27.94 9.08
N LYS B 65 -18.39 29.16 9.54
CA LYS B 65 -17.04 29.65 9.86
C LYS B 65 -16.19 28.76 10.78
N ASP B 66 -16.80 27.96 11.66
CA ASP B 66 -16.03 27.10 12.56
C ASP B 66 -15.58 25.78 11.91
N LEU B 67 -15.97 25.54 10.63
CA LEU B 67 -15.61 24.29 9.93
C LEU B 67 -14.11 24.05 9.82
N GLN B 68 -13.68 22.93 10.36
CA GLN B 68 -12.28 22.47 10.36
C GLN B 68 -12.11 21.29 9.41
N LYS B 69 -13.14 20.47 9.26
CA LYS B 69 -13.06 19.29 8.39
C LYS B 69 -14.30 19.26 7.50
N LEU B 70 -14.08 19.12 6.17
CA LEU B 70 -15.14 19.06 5.16
C LEU B 70 -14.84 17.98 4.14
N ASN B 71 -15.77 17.01 3.99
CA ASN B 71 -15.63 15.92 3.00
C ASN B 71 -16.73 16.09 1.95
N LEU B 72 -16.33 16.31 0.71
CA LEU B 72 -17.21 16.52 -0.44
C LEU B 72 -16.99 15.44 -1.53
N ASN B 73 -16.44 14.32 -1.13
CA ASN B 73 -16.13 13.21 -2.03
C ASN B 73 -17.37 12.65 -2.72
N ASN B 74 -17.20 12.02 -3.91
CA ASN B 74 -18.26 11.28 -4.61
C ASN B 74 -19.56 12.05 -4.82
N ASN B 75 -19.44 13.31 -5.22
CA ASN B 75 -20.60 14.17 -5.43
C ASN B 75 -20.74 14.63 -6.86
N LYS B 76 -20.00 14.00 -7.81
CA LYS B 76 -20.01 14.36 -9.23
C LYS B 76 -19.76 15.85 -9.47
N LEU B 77 -18.93 16.50 -8.60
CA LEU B 77 -18.63 17.93 -8.72
C LEU B 77 -17.78 18.24 -9.94
N THR B 78 -18.25 19.17 -10.76
CA THR B 78 -17.55 19.60 -11.97
C THR B 78 -16.86 20.93 -11.72
N VAL B 79 -17.38 21.69 -10.74
CA VAL B 79 -16.83 22.98 -10.38
C VAL B 79 -16.92 23.17 -8.87
N LEU B 80 -15.90 23.83 -8.28
CA LEU B 80 -15.84 24.14 -6.84
C LEU B 80 -16.16 25.62 -6.71
N PRO B 81 -17.21 26.03 -5.97
CA PRO B 81 -17.54 27.46 -5.87
C PRO B 81 -16.41 28.24 -5.21
N LYS B 82 -16.14 29.46 -5.71
CA LYS B 82 -15.11 30.34 -5.15
C LYS B 82 -15.33 30.66 -3.64
N GLU B 83 -16.58 30.58 -3.16
CA GLU B 83 -16.99 30.86 -1.78
C GLU B 83 -16.44 29.86 -0.77
N ILE B 84 -15.88 28.70 -1.22
CA ILE B 84 -15.26 27.70 -0.35
C ILE B 84 -14.13 28.36 0.49
N GLY B 85 -13.48 29.38 -0.09
CA GLY B 85 -12.40 30.16 0.51
C GLY B 85 -12.76 30.88 1.80
N GLN B 86 -14.08 31.03 2.08
CA GLN B 86 -14.60 31.67 3.28
C GLN B 86 -14.47 30.75 4.51
N LEU B 87 -14.23 29.44 4.29
CA LEU B 87 -14.03 28.51 5.41
C LEU B 87 -12.57 28.60 5.87
N GLN B 88 -12.22 29.75 6.51
CA GLN B 88 -10.86 30.11 6.98
C GLN B 88 -10.24 29.14 7.98
N ASN B 89 -11.06 28.43 8.73
CA ASN B 89 -10.58 27.50 9.74
C ASN B 89 -10.39 26.06 9.25
N LEU B 90 -10.56 25.79 7.92
CA LEU B 90 -10.42 24.43 7.40
C LEU B 90 -9.03 23.87 7.62
N GLN B 91 -8.95 22.68 8.21
CA GLN B 91 -7.73 21.92 8.44
C GLN B 91 -7.69 20.72 7.47
N GLU B 92 -8.85 20.09 7.18
CA GLU B 92 -8.88 18.92 6.28
C GLU B 92 -10.00 19.10 5.25
N LEU B 93 -9.65 19.01 3.96
CA LEU B 93 -10.58 19.14 2.85
C LEU B 93 -10.48 17.93 1.92
N SER B 94 -11.57 17.19 1.78
CA SER B 94 -11.58 16.02 0.89
C SER B 94 -12.49 16.25 -0.30
N LEU B 95 -11.92 16.20 -1.51
CA LEU B 95 -12.65 16.40 -2.77
C LEU B 95 -12.48 15.19 -3.70
N HIS B 96 -12.11 14.04 -3.13
CA HIS B 96 -11.82 12.83 -3.90
C HIS B 96 -13.02 12.25 -4.62
N SER B 97 -12.75 11.59 -5.77
CA SER B 97 -13.79 10.94 -6.58
C SER B 97 -14.89 11.93 -7.04
N ASN B 98 -14.45 13.01 -7.70
CA ASN B 98 -15.34 14.00 -8.28
C ASN B 98 -14.94 14.18 -9.75
N GLU B 99 -15.35 15.28 -10.42
CA GLU B 99 -15.05 15.45 -11.84
C GLU B 99 -14.42 16.81 -12.09
N LEU B 100 -13.59 17.27 -11.15
CA LEU B 100 -12.95 18.59 -11.21
C LEU B 100 -11.81 18.63 -12.24
N VAL B 101 -11.81 19.67 -13.09
CA VAL B 101 -10.79 19.89 -14.15
C VAL B 101 -9.80 21.01 -13.70
N ASN B 102 -10.32 21.98 -12.94
CA ASN B 102 -9.55 23.09 -12.40
C ASN B 102 -10.01 23.34 -10.98
N LEU B 103 -9.26 24.15 -10.24
CA LEU B 103 -9.62 24.56 -8.89
C LEU B 103 -9.66 26.07 -8.87
N PRO B 104 -10.57 26.68 -8.08
CA PRO B 104 -10.59 28.16 -8.00
C PRO B 104 -9.33 28.66 -7.27
N LYS B 105 -8.87 29.89 -7.61
CA LYS B 105 -7.70 30.51 -6.97
C LYS B 105 -7.90 30.63 -5.44
N GLU B 106 -9.18 30.66 -4.98
CA GLU B 106 -9.57 30.76 -3.58
C GLU B 106 -9.16 29.53 -2.74
N ILE B 107 -8.70 28.43 -3.39
CA ILE B 107 -8.19 27.23 -2.70
C ILE B 107 -6.95 27.57 -1.82
N GLY B 108 -6.26 28.67 -2.15
CA GLY B 108 -5.09 29.16 -1.43
C GLY B 108 -5.39 29.97 -0.19
N GLN B 109 -6.70 30.24 0.09
CA GLN B 109 -7.14 31.02 1.26
C GLN B 109 -7.13 30.22 2.58
N PHE B 110 -6.96 28.90 2.51
CA PHE B 110 -6.99 28.04 3.69
C PHE B 110 -5.63 28.02 4.39
N LYS B 111 -5.36 29.08 5.19
CA LYS B 111 -4.11 29.26 5.93
C LYS B 111 -3.79 28.12 6.90
N ASN B 112 -4.82 27.46 7.43
CA ASN B 112 -4.67 26.38 8.40
C ASN B 112 -4.82 24.99 7.77
N LEU B 113 -4.92 24.92 6.43
CA LEU B 113 -5.11 23.62 5.76
C LEU B 113 -3.92 22.69 5.96
N GLN B 114 -4.19 21.51 6.50
CA GLN B 114 -3.19 20.48 6.77
C GLN B 114 -3.27 19.33 5.77
N LYS B 115 -4.50 18.90 5.40
CA LYS B 115 -4.69 17.79 4.47
C LYS B 115 -5.63 18.22 3.36
N LEU B 116 -5.21 17.96 2.11
CA LEU B 116 -5.97 18.24 0.90
C LEU B 116 -6.00 16.98 0.03
N ASN B 117 -7.17 16.37 -0.10
CA ASN B 117 -7.33 15.17 -0.92
C ASN B 117 -8.07 15.52 -2.20
N LEU B 118 -7.38 15.40 -3.33
CA LEU B 118 -7.92 15.69 -4.66
C LEU B 118 -7.87 14.44 -5.57
N ASP B 119 -7.73 13.26 -4.96
CA ASP B 119 -7.66 11.96 -5.65
C ASP B 119 -8.83 11.73 -6.58
N ASN B 120 -8.59 11.05 -7.71
CA ASN B 120 -9.63 10.62 -8.64
C ASN B 120 -10.53 11.75 -9.12
N ASN B 121 -9.90 12.78 -9.69
CA ASN B 121 -10.55 13.90 -10.37
C ASN B 121 -10.04 13.92 -11.82
N LYS B 122 -10.15 15.05 -12.51
CA LYS B 122 -9.74 15.17 -13.92
C LYS B 122 -8.86 16.42 -14.07
N LEU B 123 -8.12 16.77 -12.98
CA LEU B 123 -7.30 17.98 -12.91
C LEU B 123 -6.18 18.01 -13.95
N THR B 124 -6.16 19.07 -14.78
CA THR B 124 -5.13 19.26 -15.82
C THR B 124 -4.08 20.25 -15.33
N VAL B 125 -4.45 21.11 -14.36
CA VAL B 125 -3.56 22.12 -13.80
C VAL B 125 -4.00 22.48 -12.36
N LEU B 126 -3.01 22.88 -11.53
CA LEU B 126 -3.26 23.38 -10.18
C LEU B 126 -3.07 24.90 -10.22
N PRO B 127 -3.84 25.71 -9.47
CA PRO B 127 -3.61 27.16 -9.53
C PRO B 127 -2.30 27.54 -8.83
N LYS B 128 -1.65 28.63 -9.28
CA LYS B 128 -0.40 29.12 -8.66
C LYS B 128 -0.58 29.39 -7.16
N GLU B 129 -1.82 29.73 -6.74
CA GLU B 129 -2.21 30.03 -5.35
C GLU B 129 -2.09 28.81 -4.40
N ILE B 130 -1.88 27.59 -4.94
CA ILE B 130 -1.69 26.38 -4.11
C ILE B 130 -0.49 26.55 -3.17
N GLY B 131 0.49 27.36 -3.61
CA GLY B 131 1.70 27.69 -2.86
C GLY B 131 1.46 28.48 -1.58
N GLN B 132 0.25 29.07 -1.43
CA GLN B 132 -0.15 29.83 -0.22
C GLN B 132 -0.51 28.90 0.92
N LEU B 133 -0.71 27.59 0.65
CA LEU B 133 -1.09 26.62 1.69
C LEU B 133 0.15 26.17 2.46
N GLN B 134 0.80 27.12 3.16
CA GLN B 134 2.07 26.90 3.84
C GLN B 134 2.03 25.94 5.05
N ASN B 135 0.85 25.64 5.58
CA ASN B 135 0.71 24.68 6.68
C ASN B 135 0.37 23.27 6.15
N LEU B 136 0.22 23.11 4.82
CA LEU B 136 -0.14 21.82 4.23
C LEU B 136 0.88 20.72 4.53
N GLN B 137 0.43 19.63 5.13
CA GLN B 137 1.23 18.45 5.46
C GLN B 137 1.01 17.32 4.44
N GLU B 138 -0.20 17.24 3.85
CA GLU B 138 -0.55 16.19 2.89
C GLU B 138 -1.29 16.75 1.69
N LEU B 139 -0.77 16.46 0.48
CA LEU B 139 -1.39 16.86 -0.77
C LEU B 139 -1.50 15.58 -1.59
N SER B 140 -2.74 15.12 -1.82
CA SER B 140 -3.00 13.87 -2.53
C SER B 140 -3.67 14.15 -3.85
N LEU B 141 -3.01 13.77 -4.96
CA LEU B 141 -3.46 14.04 -6.32
C LEU B 141 -3.53 12.78 -7.18
N LEU B 142 -3.70 11.63 -6.53
CA LEU B 142 -3.77 10.33 -7.19
C LEU B 142 -4.79 10.34 -8.33
N SER B 143 -4.43 9.79 -9.51
CA SER B 143 -5.36 9.67 -10.65
C SER B 143 -5.98 11.01 -11.09
N ASN B 144 -5.12 11.88 -11.64
CA ASN B 144 -5.51 13.13 -12.24
C ASN B 144 -4.81 13.22 -13.61
N LYS B 145 -4.81 14.38 -14.27
CA LYS B 145 -4.22 14.49 -15.60
C LYS B 145 -3.10 15.52 -15.64
N LEU B 146 -2.41 15.71 -14.52
CA LEU B 146 -1.33 16.71 -14.42
C LEU B 146 -0.08 16.33 -15.18
N ILE B 147 0.50 17.30 -15.90
CA ILE B 147 1.76 17.15 -16.63
C ILE B 147 2.84 17.97 -15.94
N SER B 148 2.43 18.84 -15.00
CA SER B 148 3.34 19.71 -14.25
C SER B 148 2.66 20.19 -13.00
N LEU B 149 3.44 20.80 -12.10
CA LEU B 149 2.97 21.43 -10.88
C LEU B 149 3.40 22.89 -10.98
N PRO B 150 2.66 23.87 -10.42
CA PRO B 150 3.13 25.26 -10.53
C PRO B 150 4.45 25.42 -9.77
N THR B 151 5.33 26.30 -10.26
CA THR B 151 6.62 26.55 -9.59
C THR B 151 6.43 26.91 -8.11
N GLU B 152 5.28 27.53 -7.78
CA GLU B 152 4.90 27.94 -6.42
C GLU B 152 4.72 26.77 -5.46
N ILE B 153 4.72 25.50 -5.97
CA ILE B 153 4.65 24.31 -5.13
C ILE B 153 5.85 24.27 -4.17
N GLU B 154 6.98 24.92 -4.55
CA GLU B 154 8.20 25.03 -3.71
C GLU B 154 7.92 25.72 -2.38
N GLN B 155 6.83 26.53 -2.30
CA GLN B 155 6.42 27.30 -1.11
C GLN B 155 5.78 26.44 -0.02
N LEU B 156 5.47 25.15 -0.30
CA LEU B 156 4.83 24.25 0.67
C LEU B 156 5.87 23.73 1.68
N LYS B 157 6.33 24.65 2.55
CA LYS B 157 7.41 24.43 3.52
C LYS B 157 7.12 23.40 4.62
N SER B 158 5.87 22.90 4.74
CA SER B 158 5.50 21.92 5.76
C SER B 158 5.12 20.53 5.17
N LEU B 159 5.07 20.38 3.84
CA LEU B 159 4.64 19.15 3.17
C LEU B 159 5.41 17.89 3.59
N LYS B 160 4.70 16.86 4.03
CA LYS B 160 5.27 15.58 4.44
C LYS B 160 4.90 14.46 3.43
N ASN B 161 3.70 14.55 2.84
CA ASN B 161 3.15 13.54 1.94
C ASN B 161 2.71 14.15 0.65
N LEU B 162 3.34 13.73 -0.47
CA LEU B 162 2.97 14.23 -1.79
C LEU B 162 2.67 13.01 -2.66
N ASP B 163 1.40 12.84 -3.05
CA ASP B 163 0.96 11.71 -3.87
C ASP B 163 0.59 12.16 -5.28
N LEU B 164 1.45 11.80 -6.25
CA LEU B 164 1.29 12.15 -7.67
C LEU B 164 1.08 10.88 -8.50
N ASN B 165 0.76 9.76 -7.84
CA ASN B 165 0.51 8.47 -8.48
C ASN B 165 -0.53 8.63 -9.58
N HIS B 166 -0.19 8.09 -10.78
CA HIS B 166 -1.09 7.99 -11.93
C HIS B 166 -1.51 9.31 -12.51
N ASN B 167 -0.53 10.14 -12.85
CA ASN B 167 -0.72 11.41 -13.51
C ASN B 167 0.02 11.32 -14.83
N GLU B 168 0.42 12.46 -15.43
CA GLU B 168 1.09 12.41 -16.74
C GLU B 168 2.49 13.05 -16.72
N PHE B 169 3.18 12.99 -15.59
CA PHE B 169 4.52 13.59 -15.42
C PHE B 169 5.61 12.86 -16.21
N THR B 170 6.44 13.63 -16.94
CA THR B 170 7.58 13.09 -17.72
C THR B 170 8.91 13.34 -17.00
N THR B 171 8.93 14.30 -16.08
CA THR B 171 10.10 14.60 -15.26
C THR B 171 9.64 14.93 -13.83
N VAL B 172 10.58 14.84 -12.86
CA VAL B 172 10.34 15.26 -11.48
C VAL B 172 10.87 16.70 -11.44
N SER B 173 10.01 17.71 -11.21
CA SER B 173 10.47 19.11 -11.22
C SER B 173 11.44 19.39 -10.12
N LYS B 174 12.29 20.41 -10.31
CA LYS B 174 13.25 20.86 -9.30
C LYS B 174 12.52 21.40 -8.06
N GLU B 175 11.32 21.97 -8.27
CA GLU B 175 10.51 22.53 -7.18
C GLU B 175 10.06 21.47 -6.19
N VAL B 176 9.72 20.25 -6.69
CA VAL B 176 9.34 19.12 -5.83
C VAL B 176 10.53 18.72 -4.96
N LEU B 178 12.77 20.59 -3.81
CA LEU B 178 13.04 21.62 -2.80
C LEU B 178 12.15 21.43 -1.54
N LEU B 179 11.21 20.46 -1.57
CA LEU B 179 10.32 20.18 -0.43
C LEU B 179 11.03 19.22 0.54
N GLU B 180 12.07 19.74 1.22
CA GLU B 180 12.97 18.97 2.09
C GLU B 180 12.32 18.32 3.32
N THR B 181 11.07 18.70 3.64
CA THR B 181 10.32 18.10 4.74
C THR B 181 9.59 16.79 4.30
N LEU B 182 9.56 16.48 2.99
CA LEU B 182 8.89 15.27 2.49
C LEU B 182 9.34 13.97 3.14
N GLU B 183 8.36 13.16 3.58
CA GLU B 183 8.56 11.85 4.19
C GLU B 183 8.06 10.71 3.28
N ASN B 184 7.04 10.99 2.49
CA ASN B 184 6.44 10.01 1.61
C ASN B 184 6.20 10.66 0.25
N LEU B 185 6.91 10.17 -0.79
CA LEU B 185 6.75 10.70 -2.14
C LEU B 185 6.30 9.56 -3.04
N ASP B 186 5.10 9.72 -3.62
CA ASP B 186 4.50 8.72 -4.50
C ASP B 186 4.46 9.26 -5.94
N LEU B 187 5.30 8.72 -6.80
CA LEU B 187 5.36 9.13 -8.21
C LEU B 187 5.04 7.93 -9.13
N ARG B 188 4.28 6.96 -8.60
CA ARG B 188 3.92 5.76 -9.35
C ARG B 188 3.13 6.07 -10.59
N SER B 189 3.31 5.23 -11.62
CA SER B 189 2.51 5.24 -12.85
C SER B 189 2.47 6.59 -13.55
N ASN B 190 3.64 7.18 -13.72
CA ASN B 190 3.78 8.40 -14.51
C ASN B 190 4.60 7.99 -15.74
N LYS B 191 5.34 8.92 -16.34
CA LYS B 191 6.16 8.61 -17.53
C LYS B 191 7.61 9.01 -17.28
N LEU B 192 8.11 8.71 -16.06
CA LEU B 192 9.46 9.08 -15.66
C LEU B 192 10.55 8.21 -16.30
N LYS B 193 11.58 8.88 -16.81
CA LYS B 193 12.71 8.21 -17.47
C LYS B 193 13.97 8.28 -16.63
N THR B 194 14.07 9.32 -15.79
CA THR B 194 15.21 9.49 -14.89
C THR B 194 14.73 10.12 -13.60
N ILE B 195 15.56 9.99 -12.55
CA ILE B 195 15.34 10.63 -11.25
C ILE B 195 16.46 11.67 -11.11
N PRO B 196 16.14 12.97 -10.88
CA PRO B 196 17.22 13.98 -10.81
C PRO B 196 18.21 13.78 -9.68
N LYS B 197 19.43 14.30 -9.87
CA LYS B 197 20.47 14.26 -8.84
C LYS B 197 19.97 15.02 -7.59
N GLU B 198 19.07 16.02 -7.77
CA GLU B 198 18.51 16.85 -6.67
C GLU B 198 17.69 16.06 -5.65
N ILE B 199 17.46 14.74 -5.91
CA ILE B 199 16.78 13.82 -4.98
C ILE B 199 17.53 13.78 -3.63
N ARG B 200 18.84 14.05 -3.62
CA ARG B 200 19.67 14.06 -2.40
C ARG B 200 19.14 15.07 -1.39
N GLN B 201 18.40 16.13 -1.86
CA GLN B 201 17.81 17.17 -1.01
C GLN B 201 16.66 16.63 -0.15
N LEU B 202 16.05 15.48 -0.54
CA LEU B 202 14.91 14.92 0.21
C LEU B 202 15.41 13.96 1.30
N LYS B 203 16.18 14.49 2.24
CA LYS B 203 16.83 13.74 3.32
C LYS B 203 15.89 13.15 4.36
N SER B 204 14.66 13.67 4.46
CA SER B 204 13.70 13.15 5.44
C SER B 204 12.85 11.99 4.87
N LEU B 205 13.02 11.69 3.58
CA LEU B 205 12.23 10.67 2.90
C LEU B 205 12.32 9.28 3.52
N LYS B 206 11.16 8.73 3.90
CA LYS B 206 11.03 7.41 4.49
C LYS B 206 10.45 6.41 3.46
N VAL B 207 9.59 6.91 2.54
CA VAL B 207 8.92 6.08 1.52
C VAL B 207 9.07 6.77 0.19
N LEU B 208 9.60 6.04 -0.80
CA LEU B 208 9.74 6.53 -2.16
C LEU B 208 9.13 5.47 -3.07
N LEU B 210 8.14 4.58 -6.93
CA LEU B 210 8.43 4.87 -8.33
C LEU B 210 7.95 3.78 -9.27
N THR B 211 7.17 2.82 -8.76
CA THR B 211 6.56 1.72 -9.54
C THR B 211 5.84 2.26 -10.80
N GLY B 212 6.00 1.60 -11.95
CA GLY B 212 5.24 1.98 -13.15
C GLY B 212 5.75 3.20 -13.90
N ASN B 213 7.05 3.31 -14.04
CA ASN B 213 7.68 4.35 -14.84
C ASN B 213 8.58 3.66 -15.86
N GLN B 214 9.56 4.38 -16.43
CA GLN B 214 10.46 3.86 -17.46
C GLN B 214 11.92 4.00 -17.05
N LEU B 215 12.20 3.86 -15.74
CA LEU B 215 13.56 4.00 -15.20
C LEU B 215 14.49 2.84 -15.54
N THR B 216 15.76 3.13 -15.86
CA THR B 216 16.75 2.08 -16.16
C THR B 216 17.87 2.10 -15.12
N SER B 217 17.99 3.21 -14.40
CA SER B 217 19.04 3.37 -13.39
C SER B 217 18.60 4.45 -12.40
N LEU B 218 19.35 4.60 -11.32
CA LEU B 218 19.10 5.60 -10.29
C LEU B 218 20.34 6.47 -10.15
N PRO B 219 20.21 7.79 -9.83
CA PRO B 219 21.41 8.61 -9.65
C PRO B 219 22.15 8.20 -8.37
N LYS B 220 23.47 8.46 -8.30
CA LYS B 220 24.29 8.15 -7.14
C LYS B 220 23.71 8.79 -5.88
N GLU B 221 23.14 10.00 -6.04
CA GLU B 221 22.54 10.84 -5.00
C GLU B 221 21.43 10.15 -4.21
N ILE B 222 20.86 9.04 -4.72
CA ILE B 222 19.82 8.30 -4.00
C ILE B 222 20.44 7.63 -2.74
N GLU B 223 21.78 7.41 -2.73
CA GLU B 223 22.51 6.81 -1.61
C GLU B 223 22.44 7.74 -0.39
N GLN B 224 22.12 9.02 -0.58
CA GLN B 224 21.97 10.02 0.48
C GLN B 224 20.63 9.94 1.22
N LEU B 225 19.71 9.03 0.78
CA LEU B 225 18.39 8.89 1.39
C LEU B 225 18.49 7.87 2.52
N GLN B 226 19.23 8.21 3.57
CA GLN B 226 19.51 7.31 4.71
C GLN B 226 18.32 7.06 5.62
N ASN B 227 17.24 7.86 5.47
CA ASN B 227 16.01 7.67 6.24
C ASN B 227 15.05 6.72 5.55
N LEU B 228 15.36 6.34 4.28
CA LEU B 228 14.48 5.51 3.48
C LEU B 228 14.29 4.09 4.06
N LYS B 229 13.03 3.72 4.24
CA LYS B 229 12.62 2.42 4.77
C LYS B 229 11.98 1.57 3.68
N THR B 230 11.24 2.23 2.76
CA THR B 230 10.55 1.59 1.65
C THR B 230 10.96 2.19 0.32
N LEU B 231 11.41 1.33 -0.58
CA LEU B 231 11.81 1.73 -1.93
C LEU B 231 11.15 0.81 -2.94
N ASN B 232 10.17 1.37 -3.65
CA ASN B 232 9.34 0.64 -4.61
C ASN B 232 9.68 1.05 -6.03
N LEU B 233 10.31 0.12 -6.75
CA LEU B 233 10.86 0.28 -8.08
C LEU B 233 10.33 -0.75 -9.09
N GLY B 234 9.25 -1.43 -8.76
CA GLY B 234 8.65 -2.43 -9.64
C GLY B 234 8.11 -1.81 -10.91
N GLU B 235 7.89 -2.62 -11.96
CA GLU B 235 7.31 -2.13 -13.22
C GLU B 235 8.12 -0.97 -13.85
N ASN B 236 9.40 -1.18 -13.94
CA ASN B 236 10.28 -0.21 -14.54
C ASN B 236 11.11 -0.92 -15.62
N ARG B 237 12.29 -0.41 -15.96
CA ARG B 237 13.15 -0.99 -17.00
C ARG B 237 14.56 -1.27 -16.54
N PHE B 238 14.70 -1.69 -15.27
CA PHE B 238 16.02 -2.01 -14.73
C PHE B 238 16.53 -3.38 -15.21
N GLN B 239 17.76 -3.43 -15.79
CA GLN B 239 18.30 -4.72 -16.21
C GLN B 239 19.32 -5.13 -15.18
N ILE B 240 19.81 -4.14 -14.41
CA ILE B 240 20.85 -4.29 -13.40
C ILE B 240 20.35 -3.77 -12.09
N PHE B 241 20.51 -4.58 -11.02
CA PHE B 241 20.13 -4.19 -9.68
C PHE B 241 20.93 -2.91 -9.37
N PRO B 242 20.26 -1.75 -9.10
CA PRO B 242 21.03 -0.53 -8.82
C PRO B 242 21.97 -0.69 -7.63
N VAL B 243 23.27 -0.55 -7.87
CA VAL B 243 24.27 -0.65 -6.79
C VAL B 243 24.07 0.47 -5.76
N GLU B 244 23.40 1.58 -6.16
CA GLU B 244 23.12 2.72 -5.25
C GLU B 244 22.25 2.28 -4.09
N ILE B 245 21.42 1.22 -4.28
CA ILE B 245 20.52 0.64 -3.24
C ILE B 245 21.33 0.01 -2.10
N LEU B 246 22.51 -0.58 -2.42
CA LEU B 246 23.40 -1.26 -1.47
C LEU B 246 23.85 -0.35 -0.32
N GLU B 247 23.82 0.97 -0.53
CA GLU B 247 24.20 1.96 0.47
C GLU B 247 23.09 2.25 1.51
N LEU B 248 21.85 1.78 1.25
CA LEU B 248 20.71 2.04 2.14
C LEU B 248 20.59 0.88 3.13
N LYS B 249 21.59 0.76 4.02
CA LYS B 249 21.73 -0.32 5.00
C LYS B 249 20.52 -0.48 5.93
N ASN B 250 19.66 0.58 6.08
CA ASN B 250 18.48 0.61 6.96
C ASN B 250 17.15 0.39 6.23
N LEU B 251 17.22 0.08 4.93
CA LEU B 251 16.05 -0.19 4.12
C LEU B 251 15.36 -1.48 4.66
N LEU B 252 14.00 -1.45 4.81
CA LEU B 252 13.25 -2.59 5.35
C LEU B 252 12.47 -3.31 4.23
N GLU B 253 12.07 -2.54 3.20
CA GLU B 253 11.28 -3.09 2.11
C GLU B 253 11.81 -2.63 0.76
N LEU B 254 12.03 -3.61 -0.13
CA LEU B 254 12.53 -3.35 -1.48
C LEU B 254 11.70 -4.12 -2.49
N ASN B 255 11.05 -3.37 -3.41
CA ASN B 255 10.25 -3.95 -4.48
C ASN B 255 10.89 -3.64 -5.83
N LEU B 256 11.23 -4.69 -6.58
CA LEU B 256 11.88 -4.58 -7.88
C LEU B 256 11.28 -5.54 -8.87
N TYR B 257 10.04 -5.91 -8.62
CA TYR B 257 9.31 -6.84 -9.46
C TYR B 257 9.02 -6.24 -10.82
N TYR B 258 8.78 -7.10 -11.82
CA TYR B 258 8.45 -6.61 -13.16
C TYR B 258 9.50 -5.63 -13.72
N ASN B 259 10.73 -6.04 -13.73
CA ASN B 259 11.82 -5.33 -14.39
C ASN B 259 12.45 -6.36 -15.33
N GLN B 260 13.73 -6.21 -15.65
CA GLN B 260 14.40 -7.15 -16.54
C GLN B 260 15.75 -7.48 -15.91
N LEU B 261 15.76 -7.62 -14.57
CA LEU B 261 16.98 -7.91 -13.82
C LEU B 261 17.64 -9.20 -14.26
N VAL B 262 18.93 -9.11 -14.65
CA VAL B 262 19.67 -10.27 -15.13
C VAL B 262 20.36 -11.01 -14.02
N GLU B 263 20.46 -10.39 -12.85
CA GLU B 263 21.16 -10.99 -11.74
C GLU B 263 20.61 -10.50 -10.42
N PHE B 264 20.67 -11.39 -9.45
CA PHE B 264 20.34 -11.13 -8.06
C PHE B 264 21.72 -11.06 -7.42
N PRO B 265 22.32 -9.85 -7.29
CA PRO B 265 23.72 -9.79 -6.80
C PRO B 265 23.94 -10.21 -5.35
N LYS B 266 25.09 -10.82 -5.09
CA LYS B 266 25.52 -11.26 -3.78
C LYS B 266 25.53 -10.10 -2.76
N GLU B 267 25.76 -8.87 -3.22
CA GLU B 267 25.84 -7.68 -2.37
C GLU B 267 24.52 -7.36 -1.64
N VAL B 268 23.39 -7.98 -2.08
CA VAL B 268 22.09 -7.83 -1.40
C VAL B 268 22.24 -8.29 0.07
N GLY B 269 23.23 -9.18 0.34
CA GLY B 269 23.59 -9.64 1.67
C GLY B 269 23.93 -8.53 2.64
N GLN B 270 24.34 -7.35 2.13
CA GLN B 270 24.67 -6.18 2.94
C GLN B 270 23.43 -5.49 3.51
N LEU B 271 22.24 -5.67 2.87
CA LEU B 271 20.99 -5.04 3.30
C LEU B 271 20.41 -5.84 4.48
N LYS B 272 21.13 -5.77 5.61
CA LYS B 272 20.87 -6.54 6.83
C LYS B 272 19.53 -6.29 7.52
N SER B 273 18.92 -5.10 7.34
CA SER B 273 17.64 -4.74 7.95
C SER B 273 16.44 -5.17 7.09
N LEU B 274 16.67 -5.71 5.87
CA LEU B 274 15.60 -6.11 4.93
C LEU B 274 14.65 -7.17 5.51
N LYS B 275 13.34 -6.88 5.44
CA LYS B 275 12.28 -7.76 5.93
C LYS B 275 11.44 -8.29 4.78
N TYR B 276 11.23 -7.44 3.75
CA TYR B 276 10.40 -7.76 2.60
C TYR B 276 11.17 -7.47 1.32
N LEU B 277 11.35 -8.49 0.50
CA LEU B 277 12.06 -8.38 -0.77
C LEU B 277 11.27 -9.08 -1.87
N SER B 278 10.92 -8.30 -2.89
CA SER B 278 10.15 -8.83 -3.99
C SER B 278 10.86 -8.56 -5.32
N LEU B 279 11.24 -9.64 -6.06
CA LEU B 279 11.94 -9.62 -7.35
C LEU B 279 11.22 -10.48 -8.40
N TYR B 280 9.93 -10.69 -8.23
CA TYR B 280 9.20 -11.51 -9.18
C TYR B 280 9.14 -10.89 -10.56
N HIS B 281 9.06 -11.75 -11.57
CA HIS B 281 8.98 -11.35 -12.98
C HIS B 281 10.22 -10.56 -13.44
N ASN B 282 11.35 -11.24 -13.40
CA ASN B 282 12.64 -10.74 -13.85
C ASN B 282 13.33 -11.87 -14.65
N GLN B 283 14.64 -11.85 -14.76
CA GLN B 283 15.41 -12.85 -15.51
C GLN B 283 16.47 -13.42 -14.60
N ILE B 284 16.17 -13.52 -13.30
CA ILE B 284 17.13 -14.03 -12.30
C ILE B 284 17.30 -15.54 -12.45
N THR B 285 18.56 -16.02 -12.39
CA THR B 285 18.86 -17.43 -12.57
C THR B 285 19.32 -18.10 -11.29
N THR B 286 19.65 -17.34 -10.24
CA THR B 286 20.15 -17.93 -8.97
C THR B 286 19.79 -17.12 -7.74
N LEU B 287 19.72 -17.83 -6.59
CA LEU B 287 19.53 -17.24 -5.28
C LEU B 287 20.93 -17.30 -4.65
N PRO B 288 21.73 -16.20 -4.68
CA PRO B 288 23.08 -16.25 -4.09
C PRO B 288 23.07 -16.55 -2.60
N VAL B 289 24.09 -17.25 -2.12
CA VAL B 289 24.25 -17.68 -0.72
C VAL B 289 24.07 -16.50 0.25
N GLU B 290 24.51 -15.29 -0.14
CA GLU B 290 24.43 -14.07 0.68
C GLU B 290 23.01 -13.61 1.05
N VAL B 291 22.00 -13.95 0.21
CA VAL B 291 20.58 -13.62 0.47
C VAL B 291 20.08 -14.43 1.64
N THR B 292 20.63 -15.65 1.82
CA THR B 292 20.24 -16.53 2.92
C THR B 292 20.73 -15.98 4.27
N GLN B 293 21.73 -15.09 4.29
CA GLN B 293 22.24 -14.52 5.52
C GLN B 293 21.52 -13.23 5.98
N LEU B 294 20.30 -12.96 5.46
CA LEU B 294 19.50 -11.79 5.85
C LEU B 294 18.68 -12.25 7.07
N PRO B 295 19.10 -11.82 8.30
CA PRO B 295 18.49 -12.37 9.52
C PRO B 295 17.02 -12.05 9.75
N ASP B 296 16.55 -10.89 9.27
CA ASP B 296 15.19 -10.42 9.47
C ASP B 296 14.25 -10.71 8.30
N LEU B 297 14.75 -11.31 7.20
CA LEU B 297 13.90 -11.56 6.03
C LEU B 297 12.67 -12.39 6.37
N GLN B 298 11.50 -11.79 6.20
CA GLN B 298 10.19 -12.35 6.51
C GLN B 298 9.46 -12.82 5.24
N GLU B 299 9.66 -12.10 4.11
CA GLU B 299 9.03 -12.41 2.83
C GLU B 299 10.02 -12.31 1.70
N LEU B 300 10.05 -13.35 0.85
CA LEU B 300 10.94 -13.41 -0.30
C LEU B 300 10.10 -13.84 -1.51
N HIS B 301 9.83 -12.90 -2.43
CA HIS B 301 8.98 -13.14 -3.61
C HIS B 301 9.84 -13.20 -4.87
N LEU B 302 10.01 -14.42 -5.42
CA LEU B 302 10.88 -14.69 -6.57
C LEU B 302 10.23 -15.42 -7.74
N SER B 303 8.89 -15.41 -7.78
CA SER B 303 8.18 -16.07 -8.86
C SER B 303 8.47 -15.40 -10.21
N GLY B 304 8.29 -16.14 -11.29
CA GLY B 304 8.50 -15.62 -12.64
C GLY B 304 9.94 -15.26 -12.91
N ASN B 305 10.85 -16.22 -12.69
CA ASN B 305 12.27 -16.04 -12.95
C ASN B 305 12.77 -17.30 -13.66
N LYS B 306 14.08 -17.58 -13.61
CA LYS B 306 14.66 -18.74 -14.32
C LYS B 306 15.56 -19.49 -13.36
N ILE B 307 15.15 -19.56 -12.08
CA ILE B 307 15.91 -20.24 -11.03
C ILE B 307 15.76 -21.76 -11.24
N THR B 308 16.90 -22.48 -11.26
CA THR B 308 16.90 -23.93 -11.45
C THR B 308 17.12 -24.68 -10.15
N ILE B 309 17.85 -24.07 -9.20
CA ILE B 309 18.16 -24.70 -7.92
C ILE B 309 18.18 -23.71 -6.77
N LEU B 310 18.00 -24.21 -5.56
CA LEU B 310 18.13 -23.41 -4.34
C LEU B 310 19.37 -23.88 -3.60
N PRO B 311 20.21 -22.98 -3.06
CA PRO B 311 21.38 -23.47 -2.30
C PRO B 311 20.90 -24.05 -0.97
N LYS B 312 21.69 -24.99 -0.42
CA LYS B 312 21.40 -25.64 0.87
C LYS B 312 21.42 -24.61 2.01
N GLU B 313 22.11 -23.47 1.81
CA GLU B 313 22.19 -22.42 2.83
C GLU B 313 20.85 -21.70 3.06
N ILE B 314 19.78 -22.07 2.32
CA ILE B 314 18.42 -21.56 2.50
C ILE B 314 17.96 -21.71 3.97
N LEU B 315 18.50 -22.75 4.68
CA LEU B 315 18.26 -23.06 6.10
C LEU B 315 18.51 -21.87 7.04
N GLN B 316 19.41 -20.95 6.63
CA GLN B 316 19.78 -19.77 7.40
C GLN B 316 18.68 -18.72 7.51
N LEU B 317 17.69 -18.75 6.59
CA LEU B 317 16.58 -17.81 6.60
C LEU B 317 15.57 -18.25 7.67
N LYS B 318 15.99 -18.19 8.94
CA LYS B 318 15.24 -18.61 10.11
C LYS B 318 13.97 -17.83 10.34
N ASN B 319 13.92 -16.55 9.92
CA ASN B 319 12.73 -15.73 10.11
C ASN B 319 11.77 -15.73 8.91
N LEU B 320 12.08 -16.47 7.85
CA LEU B 320 11.27 -16.52 6.64
C LEU B 320 9.91 -17.18 6.86
N GLU B 321 8.84 -16.43 6.50
CA GLU B 321 7.46 -16.92 6.62
C GLU B 321 6.79 -17.12 5.28
N TRP B 322 7.28 -16.42 4.24
CA TRP B 322 6.66 -16.50 2.92
C TRP B 322 7.72 -16.60 1.85
N LEU B 323 7.66 -17.70 1.09
CA LEU B 323 8.59 -17.94 0.01
C LEU B 323 7.80 -18.22 -1.24
N SER B 324 7.99 -17.38 -2.28
CA SER B 324 7.29 -17.59 -3.54
C SER B 324 8.29 -17.86 -4.66
N LEU B 325 8.15 -19.01 -5.31
CA LEU B 325 9.05 -19.46 -6.37
C LEU B 325 8.29 -20.08 -7.53
N SER B 326 7.05 -19.63 -7.78
CA SER B 326 6.27 -20.14 -8.89
C SER B 326 6.90 -19.71 -10.22
N ASN B 327 6.56 -20.40 -11.32
CA ASN B 327 7.02 -20.03 -12.66
C ASN B 327 8.53 -19.84 -12.71
N ASN B 328 9.27 -20.84 -12.24
CA ASN B 328 10.72 -20.85 -12.32
C ASN B 328 11.08 -22.14 -13.11
N LYS B 329 12.27 -22.70 -12.89
CA LYS B 329 12.69 -23.94 -13.59
C LYS B 329 13.24 -24.92 -12.53
N LEU B 330 12.66 -24.92 -11.32
CA LEU B 330 13.14 -25.75 -10.24
C LEU B 330 12.97 -27.25 -10.52
N ASN B 331 14.06 -28.03 -10.43
CA ASN B 331 14.05 -29.48 -10.67
C ASN B 331 13.88 -30.24 -9.37
N ALA B 332 14.25 -29.61 -8.26
CA ALA B 332 14.21 -30.19 -6.92
C ALA B 332 14.28 -29.09 -5.88
N LEU B 333 14.03 -29.46 -4.61
CA LEU B 333 14.18 -28.61 -3.45
C LEU B 333 15.25 -29.26 -2.57
N PRO B 334 16.19 -28.50 -1.96
CA PRO B 334 17.15 -29.15 -1.04
C PRO B 334 16.43 -29.60 0.24
N LYS B 335 16.94 -30.66 0.90
CA LYS B 335 16.37 -31.19 2.15
C LYS B 335 16.40 -30.14 3.27
N GLU B 336 17.28 -29.13 3.11
CA GLU B 336 17.44 -28.01 4.04
C GLU B 336 16.19 -27.11 4.10
N ILE B 337 15.27 -27.23 3.13
CA ILE B 337 14.00 -26.48 3.14
C ILE B 337 13.22 -26.72 4.44
N GLY B 338 13.41 -27.92 5.02
CA GLY B 338 12.78 -28.35 6.26
C GLY B 338 13.21 -27.56 7.49
N GLN B 339 14.35 -26.85 7.38
CA GLN B 339 14.88 -26.02 8.47
C GLN B 339 14.26 -24.61 8.52
N LEU B 340 13.36 -24.28 7.56
CA LEU B 340 12.64 -22.98 7.56
C LEU B 340 11.43 -23.17 8.45
N LYS B 341 11.67 -23.25 9.76
CA LYS B 341 10.67 -23.54 10.79
C LYS B 341 9.52 -22.54 10.84
N LYS B 342 9.75 -21.26 10.47
CA LYS B 342 8.70 -20.23 10.48
C LYS B 342 7.92 -20.14 9.17
N LEU B 343 8.30 -20.95 8.14
CA LEU B 343 7.64 -20.91 6.83
C LEU B 343 6.16 -21.23 6.93
N GLN B 344 5.30 -20.30 6.47
CA GLN B 344 3.84 -20.46 6.50
C GLN B 344 3.27 -20.66 5.13
N ARG B 345 3.90 -20.01 4.12
CA ARG B 345 3.40 -20.05 2.75
C ARG B 345 4.53 -20.35 1.83
N LEU B 346 4.34 -21.35 0.94
CA LEU B 346 5.36 -21.78 -0.03
C LEU B 346 4.70 -22.00 -1.40
N GLU B 347 4.98 -21.14 -2.38
CA GLU B 347 4.40 -21.28 -3.73
C GLU B 347 5.45 -21.81 -4.65
N LEU B 348 5.15 -22.95 -5.27
CA LEU B 348 6.11 -23.64 -6.14
C LEU B 348 5.49 -24.11 -7.44
N GLY B 349 4.35 -23.54 -7.78
CA GLY B 349 3.63 -23.87 -9.00
C GLY B 349 4.42 -23.59 -10.26
N ASN B 350 4.11 -24.34 -11.35
CA ASN B 350 4.76 -24.14 -12.64
C ASN B 350 6.30 -24.23 -12.59
N ASN B 351 6.80 -25.36 -12.10
CA ASN B 351 8.22 -25.68 -12.05
C ASN B 351 8.41 -27.06 -12.70
N GLN B 352 9.50 -27.77 -12.38
CA GLN B 352 9.76 -29.10 -12.95
C GLN B 352 9.95 -30.11 -11.83
N LEU B 353 9.27 -29.89 -10.68
CA LEU B 353 9.36 -30.76 -9.52
C LEU B 353 8.63 -32.08 -9.76
N THR B 354 9.24 -33.21 -9.33
CA THR B 354 8.64 -34.55 -9.46
C THR B 354 8.39 -35.12 -8.07
N THR B 355 9.10 -34.58 -7.08
CA THR B 355 9.03 -34.98 -5.68
C THR B 355 9.44 -33.82 -4.76
N LEU B 356 9.36 -34.04 -3.45
CA LEU B 356 9.79 -33.10 -2.44
C LEU B 356 10.57 -33.93 -1.42
N PRO B 357 11.62 -33.39 -0.76
CA PRO B 357 12.34 -34.19 0.24
C PRO B 357 11.45 -34.53 1.45
N LYS B 358 11.76 -35.64 2.14
CA LYS B 358 11.03 -36.10 3.33
C LYS B 358 11.02 -35.00 4.40
N GLU B 359 12.14 -34.27 4.52
CA GLU B 359 12.39 -33.22 5.50
C GLU B 359 11.35 -32.08 5.48
N ILE B 360 10.51 -32.02 4.42
CA ILE B 360 9.40 -31.04 4.31
C ILE B 360 8.40 -31.20 5.48
N GLU B 361 8.31 -32.42 6.06
CA GLU B 361 7.43 -32.75 7.19
C GLU B 361 7.78 -31.92 8.43
N GLN B 362 9.02 -31.39 8.49
CA GLN B 362 9.51 -30.54 9.58
C GLN B 362 8.89 -29.12 9.52
N LEU B 363 8.19 -28.81 8.41
CA LEU B 363 7.54 -27.50 8.22
C LEU B 363 6.20 -27.47 8.92
N LYS B 364 6.25 -27.47 10.26
CA LYS B 364 5.08 -27.53 11.17
C LYS B 364 4.19 -26.30 11.11
N ASN B 365 4.76 -25.13 10.72
CA ASN B 365 4.01 -23.88 10.59
C ASN B 365 3.48 -23.65 9.17
N LEU B 366 3.81 -24.54 8.22
CA LEU B 366 3.32 -24.41 6.84
C LEU B 366 1.80 -24.55 6.76
N GLN B 367 1.11 -23.48 6.34
CA GLN B 367 -0.35 -23.49 6.24
C GLN B 367 -0.81 -23.77 4.82
N ARG B 368 0.04 -23.39 3.85
CA ARG B 368 -0.36 -23.52 2.46
C ARG B 368 0.85 -23.83 1.60
N LEU B 369 0.67 -24.70 0.60
CA LEU B 369 1.70 -25.17 -0.31
C LEU B 369 1.08 -25.28 -1.69
N GLU B 370 1.64 -24.54 -2.67
CA GLU B 370 1.11 -24.58 -4.05
C GLU B 370 2.08 -25.38 -4.89
N LEU B 371 1.57 -26.43 -5.57
CA LEU B 371 2.33 -27.35 -6.39
C LEU B 371 1.70 -27.62 -7.78
N ASP B 372 0.75 -26.76 -8.21
CA ASP B 372 0.12 -26.93 -9.53
C ASP B 372 1.14 -26.88 -10.67
N SER B 373 0.80 -27.47 -11.83
CA SER B 373 1.64 -27.43 -13.05
C SER B 373 3.09 -27.86 -12.81
N ASN B 374 3.26 -28.97 -12.08
CA ASN B 374 4.51 -29.65 -11.79
C ASN B 374 4.31 -31.13 -12.18
N PRO B 375 5.35 -31.81 -12.75
CA PRO B 375 5.18 -33.25 -13.10
C PRO B 375 5.21 -34.18 -11.88
N ILE B 376 4.20 -34.07 -11.00
CA ILE B 376 4.08 -34.86 -9.77
C ILE B 376 3.04 -35.95 -10.02
N SER B 377 3.44 -37.22 -9.88
CA SER B 377 2.59 -38.39 -10.10
C SER B 377 1.54 -38.53 -8.97
N PRO B 378 0.37 -39.20 -9.22
CA PRO B 378 -0.64 -39.34 -8.15
C PRO B 378 -0.12 -39.96 -6.85
N LYS B 379 0.78 -40.95 -6.97
CA LYS B 379 1.39 -41.62 -5.80
C LYS B 379 2.30 -40.66 -5.02
N GLU B 380 2.91 -39.71 -5.74
CA GLU B 380 3.77 -38.72 -5.10
C GLU B 380 2.95 -37.64 -4.39
N LYS B 381 1.80 -37.24 -5.00
CA LYS B 381 0.84 -36.28 -4.42
C LYS B 381 0.34 -36.82 -3.08
N GLU B 382 0.06 -38.16 -3.03
CA GLU B 382 -0.37 -38.89 -1.83
C GLU B 382 0.70 -38.81 -0.76
N ARG B 383 1.96 -39.13 -1.12
CA ARG B 383 3.11 -39.07 -0.21
C ARG B 383 3.26 -37.66 0.40
N ILE B 384 3.18 -36.60 -0.47
CA ILE B 384 3.30 -35.21 -0.05
C ILE B 384 2.23 -34.88 0.99
N ARG B 385 0.95 -35.23 0.69
CA ARG B 385 -0.20 -35.02 1.60
C ARG B 385 0.06 -35.66 2.96
N LYS B 386 0.69 -36.86 2.98
CA LYS B 386 1.01 -37.58 4.22
C LYS B 386 2.13 -36.94 5.00
N LEU B 387 3.10 -36.30 4.30
CA LEU B 387 4.21 -35.59 4.97
C LEU B 387 3.71 -34.32 5.67
N LEU B 388 2.68 -33.65 5.08
CA LEU B 388 2.10 -32.42 5.61
C LEU B 388 0.55 -32.55 5.73
N PRO B 389 0.06 -33.37 6.69
CA PRO B 389 -1.41 -33.58 6.79
C PRO B 389 -2.25 -32.39 7.25
N LYS B 390 -1.64 -31.44 7.99
CA LYS B 390 -2.31 -30.24 8.48
C LYS B 390 -2.23 -29.05 7.50
N CYS B 391 -1.42 -29.16 6.43
CA CYS B 391 -1.21 -28.12 5.42
C CYS B 391 -2.25 -28.17 4.32
N GLU B 392 -2.62 -27.00 3.78
CA GLU B 392 -3.52 -26.94 2.64
C GLU B 392 -2.62 -27.05 1.41
N ILE B 393 -2.71 -28.17 0.65
CA ILE B 393 -1.86 -28.40 -0.51
C ILE B 393 -2.70 -28.40 -1.77
N ASP B 394 -2.36 -27.53 -2.70
CA ASP B 394 -3.10 -27.48 -3.94
C ASP B 394 -2.17 -27.95 -5.05
N PHE B 395 -2.59 -29.02 -5.73
CA PHE B 395 -1.84 -29.67 -6.82
C PHE B 395 -2.42 -29.22 -8.13
N GLU B 396 -3.54 -28.47 -8.07
CA GLU B 396 -4.29 -28.07 -9.25
C GLU B 396 -4.69 -26.58 -9.32
N GLY B 397 -4.22 -25.76 -8.38
CA GLY B 397 -4.50 -24.33 -8.33
C GLY B 397 -4.13 -23.58 -9.59
N GLY B 398 -4.77 -22.44 -9.81
CA GLY B 398 -4.50 -21.61 -10.96
C GLY B 398 -4.68 -22.29 -12.30
N GLY B 399 -5.82 -22.94 -12.51
CA GLY B 399 -6.12 -23.61 -13.75
C GLY B 399 -5.75 -25.09 -13.76
#